data_6BSH
#
_entry.id   6BSH
#
_cell.length_a   161.792
_cell.length_b   161.792
_cell.length_c   128.773
_cell.angle_alpha   90.00
_cell.angle_beta   90.00
_cell.angle_gamma   120.00
#
_symmetry.space_group_name_H-M   'P 31 2 1'
#
loop_
_entity.id
_entity.type
_entity.pdbx_description
1 polymer 'REVERSE TRANSCRIPTASE P66 SUBUNIT'
2 polymer 'REVERSE TRANSCRIPTASE P51 SUBUNIT'
3 polymer "DNA (5'-D(*GP*TP*AP*TP*GP*CP*CP*AP*CP*TP*AP*GP*TP*TP*AP*TP*TP*GP*TP*GP*GP*CP*C)-3')"
4 polymer 'RNA (25-MER)'
5 non-polymer (-)-6-CHLORO-4-CYCLOPROPYLETHYNYL-4-TRIFLUOROMETHYL-1,4-DIHYDRO-2H-3,1-BENZOXAZIN-2-ONE
6 non-polymer 'CALCIUM ION'
7 non-polymer GLYCEROL
8 non-polymer TRIS(HYDROXYETHYL)AMINOMETHANE
9 water water
#
loop_
_entity_poly.entity_id
_entity_poly.type
_entity_poly.pdbx_seq_one_letter_code
_entity_poly.pdbx_strand_id
1 'polypeptide(L)'
;GPISPIETVPVKLKPGMDGPKVKQWPLTEEKIKALVEICTEMEKEGKISKIGPENPYNTPVFAIKKKDGTKWRKLVDFRE
LNKKTQDFWEVQLGIPHPAGLKKKKSVTVLDVGDAYFSVPLDEDFRKYTAFTIPSINNETPGIRYQYNVLPQGWKGSPAI
FQSSMTKILEPFRKQNPDIVIYQYMDDLYVGSDLEIGQHRTKIEELRQHLLRWGLTTPDKKHQKEPPFLWMGYELHPDKW
TVQPIVLPEKDSWTVNDIQKLVGKLNWASQIYPGIKVRQLCKLLRGTKALTEVIPLTEEAELELAENREILKEPVHGVYY
DPSKDLIAEIQKQGQGQWTYQIYQEPFKNLKTGKYARMRGAHTNDVKQLTEAVQKITTESIVIWGKTPKFKLPIQKETWE
TWWTEYWQATWVPEWEFVNTPPLVKLWYQLEKEPIVGAETFYVDGAASRETKLGKAGYVTNKGRQKVVTLTDTTNQKTEL
QAIHLALQDSGLEVNIVTDSQYALGIIQAQPDQSESELVNQIIEQLIKKEKVYLAWVPAHKGIGGNEQVDKLVSAGIR
;
A
2 'polypeptide(L)'
;GPISPIETVPVKLKPGMDGPKVKQWPLTEEKIKALVEICTEMEKEGKISKIGPENPYNTPVFAIKKKDGTKWRKLVDFRE
LNKKTQDFWEVQLGIPHPAGLKKKKSVTVLDVGDAYFSVPLDEDFRKYTAFTIPSINNETPGIRYQYNVLPQGWKGSPAI
FQSSMTKILEPFRKQNPDIVIYQYMDDLYVGSDLEIGQHRTKIEELRQHLLRWGLTTPDKKHQKEPPFLWMGYELHPDKW
TVQPIVLPEKDSWTVNDIQKLVGKLNWASQIYPGIKVRQLCKLLRGTKALTEVIPLTEEAELELAENREILKEPVHGVYY
DPSKDLIAEIQKQGQGQWTYQIYQEPFKNLKTGKYARMRGAHTNDVKQLTEAVQKITTESIVIWGKTPKFKLPIQKETWE
TWWTEYWQATWVPEWEFVNTPPLVKLWYQLEKEPIVGAETF
;
B
3 'polydeoxyribonucleotide'
;(DG)(DT)(DA)(DT)(DG)(DC)(DC)(DA)(DC)(DT)(DA)(DG)(DT)(DT)(DA)(DT)(DT)(DG)(DT)(DG)
(DG)(DC)(DC)
;
D
4 'polyribonucleotide' GA(3DR)GGCCACAAUAACUAGUGGCAUA R
#
loop_
_chem_comp.id
_chem_comp.type
_chem_comp.name
_chem_comp.formula
3DR DNA linking 1',2'-DIDEOXYRIBOFURANOSE-5'-PHOSPHATE 'C5 H11 O6 P'
A RNA linking ADENOSINE-5'-MONOPHOSPHATE 'C10 H14 N5 O7 P'
C RNA linking CYTIDINE-5'-MONOPHOSPHATE 'C9 H14 N3 O8 P'
CA non-polymer 'CALCIUM ION' 'Ca 2'
DA DNA linking 2'-DEOXYADENOSINE-5'-MONOPHOSPHATE 'C10 H14 N5 O6 P'
DC DNA linking 2'-DEOXYCYTIDINE-5'-MONOPHOSPHATE 'C9 H14 N3 O7 P'
DG DNA linking 2'-DEOXYGUANOSINE-5'-MONOPHOSPHATE 'C10 H14 N5 O7 P'
DT DNA linking THYMIDINE-5'-MONOPHOSPHATE 'C10 H15 N2 O8 P'
EFZ non-polymer (-)-6-CHLORO-4-CYCLOPROPYLETHYNYL-4-TRIFLUOROMETHYL-1,4-DIHYDRO-2H-3,1-BENZOXAZIN-2-ONE 'C14 H9 Cl F3 N O2'
G RNA linking GUANOSINE-5'-MONOPHOSPHATE 'C10 H14 N5 O8 P'
GOL non-polymer GLYCEROL 'C3 H8 O3'
TAM non-polymer TRIS(HYDROXYETHYL)AMINOMETHANE 'C7 H17 N O3'
U RNA linking URIDINE-5'-MONOPHOSPHATE 'C9 H13 N2 O9 P'
#
# COMPACT_ATOMS: atom_id res chain seq x y z
N PRO A 5 -34.47 -27.48 4.03
CA PRO A 5 -33.14 -27.83 4.53
C PRO A 5 -32.02 -26.84 4.17
N ILE A 6 -31.55 -26.07 5.14
CA ILE A 6 -30.29 -25.35 5.01
C ILE A 6 -29.16 -26.34 5.33
N GLU A 7 -28.24 -26.49 4.39
CA GLU A 7 -27.15 -27.44 4.59
C GLU A 7 -26.13 -26.89 5.60
N THR A 8 -25.50 -27.79 6.36
CA THR A 8 -24.51 -27.31 7.33
C THR A 8 -23.18 -27.00 6.64
N VAL A 9 -22.39 -26.15 7.30
CA VAL A 9 -21.05 -25.78 6.86
C VAL A 9 -20.04 -26.52 7.73
N PRO A 10 -19.11 -27.28 7.14
CA PRO A 10 -18.14 -28.05 7.95
C PRO A 10 -17.15 -27.14 8.68
N VAL A 11 -17.01 -27.37 9.98
CA VAL A 11 -16.20 -26.50 10.84
C VAL A 11 -15.25 -27.37 11.63
N LYS A 12 -13.99 -26.98 11.70
CA LYS A 12 -13.03 -27.73 12.48
C LYS A 12 -12.41 -26.82 13.54
N LEU A 13 -11.84 -27.45 14.57
CA LEU A 13 -11.05 -26.73 15.55
C LEU A 13 -9.68 -26.40 14.95
N LYS A 14 -8.97 -25.50 15.60
CA LYS A 14 -7.62 -25.18 15.15
C LYS A 14 -6.73 -26.41 15.27
N PRO A 15 -5.78 -26.62 14.35
CA PRO A 15 -4.86 -27.76 14.48
C PRO A 15 -4.21 -27.80 15.84
N GLY A 16 -4.23 -28.98 16.45
CA GLY A 16 -3.62 -29.18 17.74
C GLY A 16 -4.50 -28.94 18.95
N MET A 17 -5.70 -28.41 18.78
CA MET A 17 -6.52 -28.01 19.91
C MET A 17 -7.68 -28.98 20.12
N ASP A 18 -8.01 -29.22 21.38
CA ASP A 18 -9.26 -29.87 21.75
C ASP A 18 -10.26 -28.81 22.20
N GLY A 19 -11.51 -29.23 22.37
CA GLY A 19 -12.57 -28.32 22.74
C GLY A 19 -12.51 -27.83 24.17
N PRO A 20 -13.36 -26.88 24.52
CA PRO A 20 -13.28 -26.28 25.86
C PRO A 20 -13.73 -27.24 26.96
N LYS A 21 -13.01 -27.21 28.08
CA LYS A 21 -13.38 -27.94 29.29
C LYS A 21 -13.33 -27.02 30.52
N VAL A 22 -14.15 -25.96 30.50
CA VAL A 22 -14.22 -24.97 31.57
C VAL A 22 -15.26 -25.39 32.61
N LYS A 23 -15.05 -24.97 33.86
CA LYS A 23 -15.93 -25.34 34.97
C LYS A 23 -17.06 -24.32 35.13
N GLN A 24 -18.25 -24.82 35.41
CA GLN A 24 -19.41 -23.98 35.68
C GLN A 24 -19.47 -23.63 37.16
N TRP A 25 -19.34 -22.34 37.46
CA TRP A 25 -19.41 -21.89 38.85
C TRP A 25 -20.85 -21.97 39.36
N PRO A 26 -21.06 -22.12 40.66
CA PRO A 26 -22.43 -22.19 41.17
C PRO A 26 -23.14 -20.85 41.01
N LEU A 27 -24.45 -20.91 40.86
CA LEU A 27 -25.26 -19.74 40.61
C LEU A 27 -26.36 -19.65 41.66
N THR A 28 -26.98 -18.48 41.74
CA THR A 28 -28.11 -18.29 42.65
C THR A 28 -29.32 -19.09 42.19
N GLU A 29 -30.18 -19.41 43.15
CA GLU A 29 -31.39 -20.17 42.83
C GLU A 29 -32.29 -19.40 41.87
N GLU A 30 -32.48 -18.10 42.09
CA GLU A 30 -33.32 -17.31 41.19
C GLU A 30 -32.76 -17.28 39.76
N LYS A 31 -31.45 -17.52 39.59
CA LYS A 31 -30.81 -17.58 38.27
C LYS A 31 -30.93 -18.95 37.62
N ILE A 32 -30.89 -20.04 38.41
CA ILE A 32 -31.03 -21.39 37.86
C ILE A 32 -32.48 -21.68 37.48
N LYS A 33 -33.46 -21.10 38.19
CA LYS A 33 -34.85 -21.30 37.79
C LYS A 33 -35.14 -20.64 36.44
N ALA A 34 -34.52 -19.50 36.16
CA ALA A 34 -34.70 -18.88 34.85
C ALA A 34 -34.01 -19.67 33.76
N LEU A 35 -32.82 -20.22 34.05
CA LEU A 35 -32.07 -20.93 33.02
C LEU A 35 -32.82 -22.19 32.58
N VAL A 36 -33.27 -23.01 33.53
CA VAL A 36 -34.01 -24.21 33.13
C VAL A 36 -35.29 -23.87 32.38
N GLU A 37 -35.84 -22.66 32.58
CA GLU A 37 -37.02 -22.26 31.83
C GLU A 37 -36.67 -21.87 30.40
N ILE A 38 -35.60 -21.10 30.22
CA ILE A 38 -35.13 -20.79 28.88
C ILE A 38 -34.71 -22.06 28.15
N CYS A 39 -33.99 -22.95 28.84
CA CYS A 39 -33.39 -24.10 28.17
C CYS A 39 -34.41 -25.16 27.81
N THR A 40 -35.44 -25.36 28.64
CA THR A 40 -36.43 -26.34 28.26
C THR A 40 -37.18 -25.90 27.01
N GLU A 41 -37.44 -24.59 26.87
CA GLU A 41 -38.09 -24.14 25.65
C GLU A 41 -37.18 -24.28 24.44
N MET A 42 -35.89 -23.97 24.60
CA MET A 42 -34.96 -24.18 23.49
C MET A 42 -34.83 -25.65 23.14
N GLU A 43 -35.01 -26.54 24.12
CA GLU A 43 -35.03 -27.95 23.79
C GLU A 43 -36.29 -28.32 23.01
N LYS A 44 -37.45 -27.75 23.39
CA LYS A 44 -38.68 -28.12 22.70
C LYS A 44 -38.66 -27.64 21.26
N GLU A 45 -38.06 -26.48 20.98
CA GLU A 45 -37.92 -26.01 19.60
C GLU A 45 -36.74 -26.65 18.86
N GLY A 46 -35.97 -27.52 19.52
CA GLY A 46 -34.90 -28.26 18.88
C GLY A 46 -33.59 -27.52 18.72
N LYS A 47 -33.44 -26.36 19.35
CA LYS A 47 -32.20 -25.58 19.23
C LYS A 47 -31.06 -26.19 20.06
N ILE A 48 -31.37 -26.79 21.22
CA ILE A 48 -30.40 -27.52 22.02
C ILE A 48 -30.95 -28.90 22.37
N SER A 49 -30.05 -29.79 22.78
CA SER A 49 -30.41 -31.14 23.18
C SER A 49 -29.69 -31.53 24.47
N LYS A 50 -30.42 -32.19 25.38
CA LYS A 50 -29.79 -32.75 26.57
C LYS A 50 -28.70 -33.73 26.18
N ILE A 51 -27.56 -33.64 26.86
CA ILE A 51 -26.45 -34.55 26.64
C ILE A 51 -26.13 -35.19 27.98
N GLY A 52 -25.14 -36.09 28.01
CA GLY A 52 -24.79 -36.75 29.22
C GLY A 52 -23.32 -37.07 29.35
N PRO A 53 -23.01 -38.21 29.95
CA PRO A 53 -21.61 -38.51 30.30
C PRO A 53 -20.69 -38.66 29.10
N GLU A 54 -21.23 -39.06 27.95
CA GLU A 54 -20.45 -39.25 26.74
C GLU A 54 -19.72 -37.97 26.28
N ASN A 55 -20.11 -36.80 26.81
CA ASN A 55 -19.54 -35.52 26.40
C ASN A 55 -18.60 -35.01 27.47
N PRO A 56 -17.34 -34.76 27.17
CA PRO A 56 -16.37 -34.25 28.16
C PRO A 56 -16.17 -32.74 28.16
N TYR A 57 -16.86 -31.99 27.31
CA TYR A 57 -16.61 -30.56 27.20
C TYR A 57 -17.55 -29.75 28.09
N ASN A 58 -17.20 -28.48 28.27
CA ASN A 58 -18.09 -27.55 28.95
C ASN A 58 -17.61 -26.13 28.71
N THR A 59 -18.56 -25.20 28.84
CA THR A 59 -18.37 -23.78 28.63
C THR A 59 -19.31 -23.14 29.63
N PRO A 60 -18.87 -22.10 30.34
CA PRO A 60 -19.70 -21.56 31.41
C PRO A 60 -20.93 -20.90 30.85
N VAL A 61 -22.05 -21.08 31.55
CA VAL A 61 -23.24 -20.33 31.20
C VAL A 61 -23.01 -18.85 31.50
N PHE A 62 -23.67 -17.99 30.73
CA PHE A 62 -23.41 -16.56 30.79
C PHE A 62 -24.13 -15.92 31.98
N ARG A 73 -28.41 -10.85 25.98
CA ARG A 73 -27.59 -10.99 24.76
C ARG A 73 -27.22 -12.45 24.45
N LYS A 74 -26.22 -13.00 25.15
CA LYS A 74 -25.73 -14.36 24.93
C LYS A 74 -26.11 -15.25 26.11
N LEU A 75 -26.58 -16.47 25.78
CA LEU A 75 -26.84 -17.45 26.83
C LEU A 75 -25.54 -18.01 27.41
N VAL A 76 -24.49 -18.13 26.59
CA VAL A 76 -23.28 -18.88 26.94
C VAL A 76 -22.06 -18.08 26.50
N ASP A 77 -20.97 -18.19 27.26
CA ASP A 77 -19.76 -17.40 27.05
C ASP A 77 -18.69 -18.25 26.38
N PHE A 78 -18.48 -18.02 25.08
CA PHE A 78 -17.69 -18.93 24.24
C PHE A 78 -16.29 -18.41 23.94
N ARG A 79 -15.69 -17.59 24.81
CA ARG A 79 -14.37 -17.08 24.43
C ARG A 79 -13.35 -18.20 24.34
N GLU A 80 -13.45 -19.22 25.22
CA GLU A 80 -12.55 -20.35 25.11
C GLU A 80 -12.78 -21.11 23.81
N LEU A 81 -14.03 -21.50 23.53
CA LEU A 81 -14.32 -22.15 22.25
C LEU A 81 -13.88 -21.29 21.08
N ASN A 82 -14.18 -19.99 21.13
CA ASN A 82 -13.82 -19.13 20.01
C ASN A 82 -12.32 -19.11 19.77
N LYS A 83 -11.51 -19.19 20.83
CA LYS A 83 -10.06 -19.18 20.65
C LYS A 83 -9.57 -20.44 19.95
N LYS A 84 -10.23 -21.58 20.21
CA LYS A 84 -9.89 -22.88 19.62
C LYS A 84 -10.55 -23.16 18.27
N THR A 85 -11.52 -22.33 17.85
CA THR A 85 -12.20 -22.54 16.58
C THR A 85 -11.32 -22.05 15.45
N GLN A 86 -11.30 -22.79 14.34
CA GLN A 86 -10.66 -22.37 13.10
C GLN A 86 -11.00 -20.93 12.74
N ASP A 87 -10.15 -20.30 11.93
CA ASP A 87 -10.44 -18.99 11.39
C ASP A 87 -11.44 -19.10 10.23
N PHE A 88 -12.08 -17.97 9.94
CA PHE A 88 -12.95 -17.85 8.77
C PHE A 88 -12.44 -16.66 7.99
N TRP A 89 -12.43 -16.77 6.66
CA TRP A 89 -12.16 -15.59 5.86
C TRP A 89 -13.40 -14.73 5.91
N GLU A 90 -13.43 -13.80 6.87
CA GLU A 90 -14.65 -13.33 7.49
C GLU A 90 -15.28 -12.17 6.75
N VAL A 91 -16.57 -11.99 7.00
CA VAL A 91 -17.40 -11.12 6.21
C VAL A 91 -17.65 -9.82 6.97
N GLN A 92 -18.14 -8.81 6.25
CA GLN A 92 -18.29 -7.47 6.80
C GLN A 92 -16.97 -7.01 7.41
N LEU A 93 -15.91 -7.21 6.64
CA LEU A 93 -14.62 -6.59 6.88
C LEU A 93 -14.85 -5.08 7.02
N GLY A 94 -15.16 -4.38 5.91
CA GLY A 94 -15.64 -3.02 5.97
C GLY A 94 -17.17 -2.95 5.90
N ILE A 95 -17.69 -1.76 6.17
CA ILE A 95 -19.11 -1.52 5.91
C ILE A 95 -19.26 -0.44 4.86
N PRO A 96 -20.35 -0.49 4.06
CA PRO A 96 -20.65 0.57 3.09
C PRO A 96 -20.45 1.98 3.62
N HIS A 97 -19.95 2.85 2.83
CA HIS A 97 -20.19 4.19 3.34
C HIS A 97 -21.45 4.77 2.68
N PRO A 98 -22.28 5.53 3.40
CA PRO A 98 -23.56 6.00 2.79
C PRO A 98 -23.40 6.74 1.47
N ALA A 99 -22.35 7.55 1.31
CA ALA A 99 -22.11 8.29 0.08
C ALA A 99 -21.84 7.40 -1.12
N GLY A 100 -21.80 6.09 -0.94
CA GLY A 100 -21.60 5.19 -2.07
C GLY A 100 -22.89 4.51 -2.51
N LEU A 101 -23.96 4.70 -1.75
CA LEU A 101 -25.26 4.14 -2.07
C LEU A 101 -25.93 4.98 -3.16
N LYS A 102 -26.87 4.35 -3.90
CA LYS A 102 -27.65 5.08 -4.91
C LYS A 102 -28.98 5.54 -4.33
N LYS A 103 -29.48 6.65 -4.85
CA LYS A 103 -30.81 7.13 -4.49
C LYS A 103 -31.87 6.08 -4.85
N LYS A 104 -32.84 5.89 -3.95
CA LYS A 104 -33.95 4.97 -4.16
C LYS A 104 -35.28 5.69 -3.96
N LYS A 105 -36.33 5.14 -4.58
CA LYS A 105 -37.67 5.65 -4.32
C LYS A 105 -38.24 5.04 -3.05
N SER A 106 -38.12 3.72 -2.90
CA SER A 106 -38.64 3.01 -1.75
C SER A 106 -37.55 2.18 -1.07
N VAL A 107 -37.49 2.23 0.25
CA VAL A 107 -36.52 1.47 1.03
C VAL A 107 -37.24 0.80 2.20
N THR A 108 -36.86 -0.45 2.46
CA THR A 108 -37.40 -1.27 3.54
C THR A 108 -36.22 -1.89 4.27
N VAL A 109 -36.37 -2.09 5.58
CA VAL A 109 -35.42 -2.90 6.33
C VAL A 109 -36.20 -4.01 7.01
N LEU A 110 -35.82 -5.25 6.72
CA LEU A 110 -36.34 -6.45 7.39
C LEU A 110 -35.33 -6.95 8.42
N ASP A 111 -35.74 -7.04 9.67
CA ASP A 111 -34.91 -7.71 10.67
C ASP A 111 -35.31 -9.19 10.73
N VAL A 112 -34.37 -10.07 10.44
CA VAL A 112 -34.63 -11.52 10.50
C VAL A 112 -34.60 -11.96 11.95
N GLY A 113 -35.73 -12.44 12.45
CA GLY A 113 -35.93 -12.65 13.86
C GLY A 113 -35.17 -13.83 14.42
N ASP A 114 -35.28 -14.97 13.75
CA ASP A 114 -34.75 -16.20 14.29
C ASP A 114 -33.51 -16.57 13.51
N ALA A 115 -32.62 -15.60 13.30
CA ALA A 115 -31.51 -15.76 12.38
C ALA A 115 -30.71 -17.02 12.71
N TYR A 116 -29.96 -16.99 13.81
CA TYR A 116 -29.08 -18.12 14.13
C TYR A 116 -29.87 -19.41 14.39
N PHE A 117 -31.00 -19.31 15.08
CA PHE A 117 -31.86 -20.44 15.39
C PHE A 117 -32.32 -21.20 14.15
N SER A 118 -32.11 -20.62 12.98
CA SER A 118 -32.58 -21.21 11.73
C SER A 118 -31.46 -21.80 10.90
N VAL A 119 -30.22 -21.80 11.40
CA VAL A 119 -29.11 -22.41 10.68
C VAL A 119 -28.57 -23.56 11.52
N PRO A 120 -28.61 -24.80 11.04
CA PRO A 120 -28.08 -25.91 11.83
C PRO A 120 -26.56 -25.89 11.91
N LEU A 121 -26.07 -26.27 13.08
CA LEU A 121 -24.64 -26.32 13.33
C LEU A 121 -24.10 -27.65 12.82
N ASP A 122 -22.93 -27.61 12.19
CA ASP A 122 -22.26 -28.82 11.73
C ASP A 122 -22.28 -29.90 12.82
N GLU A 123 -22.75 -31.09 12.43
CA GLU A 123 -23.08 -32.13 13.41
C GLU A 123 -21.88 -32.52 14.27
N ASP A 124 -20.72 -32.69 13.66
CA ASP A 124 -19.60 -33.16 14.48
C ASP A 124 -19.00 -32.05 15.31
N PHE A 125 -19.39 -30.80 15.08
CA PHE A 125 -18.95 -29.68 15.91
C PHE A 125 -19.85 -29.46 17.13
N ARG A 126 -21.09 -29.96 17.09
CA ARG A 126 -22.04 -29.70 18.16
C ARG A 126 -21.48 -30.03 19.53
N LYS A 127 -20.69 -31.10 19.63
CA LYS A 127 -20.29 -31.59 20.95
C LYS A 127 -19.41 -30.60 21.70
N TYR A 128 -18.76 -29.65 20.99
CA TYR A 128 -17.90 -28.65 21.61
C TYR A 128 -18.66 -27.49 22.23
N THR A 129 -19.95 -27.33 21.91
CA THR A 129 -20.76 -26.27 22.45
C THR A 129 -21.51 -26.69 23.72
N ALA A 130 -21.00 -27.68 24.43
CA ALA A 130 -21.71 -28.17 25.60
C ALA A 130 -21.65 -27.15 26.74
N PHE A 131 -22.70 -27.13 27.55
CA PHE A 131 -22.77 -26.24 28.71
C PHE A 131 -23.67 -26.87 29.76
N THR A 132 -23.51 -26.43 31.02
CA THR A 132 -24.22 -27.04 32.14
C THR A 132 -25.02 -25.99 32.89
N ILE A 133 -26.30 -26.26 33.13
CA ILE A 133 -27.02 -25.56 34.19
C ILE A 133 -26.75 -26.28 35.50
N PRO A 134 -26.16 -25.65 36.49
CA PRO A 134 -25.71 -26.37 37.69
C PRO A 134 -26.88 -26.66 38.62
N SER A 135 -26.61 -27.53 39.60
CA SER A 135 -27.57 -27.82 40.65
C SER A 135 -27.49 -26.75 41.73
N ILE A 136 -28.49 -26.73 42.60
CA ILE A 136 -28.62 -25.66 43.59
C ILE A 136 -27.57 -25.80 44.68
N ASN A 137 -27.52 -26.95 45.34
CA ASN A 137 -26.55 -27.20 46.39
C ASN A 137 -25.36 -27.99 45.89
N ASN A 138 -25.28 -28.19 44.57
CA ASN A 138 -24.18 -28.87 43.90
C ASN A 138 -23.96 -30.29 44.40
N GLU A 139 -24.87 -30.77 45.26
CA GLU A 139 -24.87 -32.20 45.57
C GLU A 139 -25.16 -33.01 44.32
N THR A 140 -26.14 -32.56 43.53
CA THR A 140 -26.51 -33.15 42.27
C THR A 140 -25.61 -32.61 41.15
N PRO A 141 -25.37 -33.39 40.10
CA PRO A 141 -24.86 -32.81 38.86
C PRO A 141 -25.97 -32.04 38.16
N GLY A 142 -25.55 -31.22 37.19
CA GLY A 142 -26.47 -30.33 36.50
C GLY A 142 -26.99 -30.88 35.19
N ILE A 143 -27.94 -30.15 34.62
CA ILE A 143 -28.50 -30.47 33.31
C ILE A 143 -27.52 -30.02 32.24
N ARG A 144 -27.10 -30.94 31.38
CA ARG A 144 -26.12 -30.66 30.34
C ARG A 144 -26.79 -30.62 28.98
N TYR A 145 -26.38 -29.67 28.15
CA TYR A 145 -26.95 -29.47 26.82
C TYR A 145 -25.82 -29.21 25.81
N GLN A 146 -26.19 -29.23 24.53
CA GLN A 146 -25.33 -28.73 23.46
C GLN A 146 -26.21 -28.10 22.39
N TYR A 147 -25.58 -27.29 21.54
CA TYR A 147 -26.30 -26.57 20.49
C TYR A 147 -26.47 -27.42 19.23
N ASN A 148 -27.67 -27.33 18.63
CA ASN A 148 -27.90 -27.88 17.32
C ASN A 148 -27.88 -26.83 16.23
N VAL A 149 -27.94 -25.55 16.61
CA VAL A 149 -27.96 -24.42 15.70
C VAL A 149 -26.79 -23.51 16.03
N LEU A 150 -26.54 -22.54 15.15
CA LEU A 150 -25.52 -21.52 15.40
C LEU A 150 -25.76 -20.83 16.75
N PRO A 151 -24.82 -20.86 17.68
CA PRO A 151 -25.01 -20.15 18.95
C PRO A 151 -24.73 -18.66 18.81
N GLN A 152 -25.51 -17.85 19.54
CA GLN A 152 -25.15 -16.46 19.76
C GLN A 152 -23.80 -16.38 20.45
N GLY A 153 -22.90 -15.59 19.91
CA GLY A 153 -21.59 -15.45 20.51
C GLY A 153 -20.54 -16.43 20.03
N TRP A 154 -20.88 -17.40 19.20
CA TRP A 154 -19.84 -18.24 18.64
C TRP A 154 -19.21 -17.55 17.44
N LYS A 155 -17.88 -17.64 17.36
CA LYS A 155 -17.07 -17.00 16.32
C LYS A 155 -17.55 -17.28 14.89
N GLY A 156 -18.15 -18.44 14.65
CA GLY A 156 -18.52 -18.78 13.29
C GLY A 156 -19.90 -18.36 12.87
N SER A 157 -20.79 -18.12 13.84
CA SER A 157 -22.18 -17.81 13.52
C SER A 157 -22.34 -16.68 12.50
N PRO A 158 -21.68 -15.53 12.63
CA PRO A 158 -21.88 -14.48 11.59
C PRO A 158 -21.45 -14.89 10.19
N ALA A 159 -20.27 -15.50 10.03
CA ALA A 159 -19.84 -15.88 8.68
C ALA A 159 -20.69 -17.01 8.12
N ILE A 160 -21.13 -17.94 8.95
CA ILE A 160 -21.94 -19.01 8.44
C ILE A 160 -23.37 -18.54 8.14
N PHE A 161 -23.93 -17.66 8.97
CA PHE A 161 -25.28 -17.18 8.68
C PHE A 161 -25.29 -16.37 7.39
N GLN A 162 -24.34 -15.47 7.24
CA GLN A 162 -24.21 -14.66 6.05
C GLN A 162 -24.11 -15.51 4.79
N SER A 163 -23.32 -16.58 4.86
CA SER A 163 -23.13 -17.47 3.72
C SER A 163 -24.42 -18.17 3.36
N SER A 164 -25.17 -18.61 4.37
CA SER A 164 -26.47 -19.24 4.13
C SER A 164 -27.44 -18.25 3.52
N MET A 165 -27.49 -17.03 4.07
CA MET A 165 -28.39 -16.00 3.58
C MET A 165 -28.06 -15.63 2.14
N THR A 166 -26.78 -15.69 1.75
CA THR A 166 -26.41 -15.39 0.37
C THR A 166 -26.94 -16.45 -0.58
N LYS A 167 -26.88 -17.73 -0.19
CA LYS A 167 -27.45 -18.78 -1.03
C LYS A 167 -28.98 -18.64 -1.13
N ILE A 168 -29.64 -18.32 -0.01
CA ILE A 168 -31.09 -18.15 -0.03
C ILE A 168 -31.50 -16.97 -0.92
N LEU A 169 -30.69 -15.91 -0.97
CA LEU A 169 -31.05 -14.75 -1.75
C LEU A 169 -30.66 -14.85 -3.22
N GLU A 170 -29.83 -15.84 -3.64
CA GLU A 170 -29.46 -15.95 -5.04
C GLU A 170 -30.68 -16.07 -5.96
N PRO A 171 -31.60 -17.03 -5.76
CA PRO A 171 -32.74 -17.14 -6.68
C PRO A 171 -33.58 -15.88 -6.71
N PHE A 172 -33.80 -15.24 -5.55
CA PHE A 172 -34.61 -14.04 -5.54
C PHE A 172 -33.90 -12.88 -6.21
N ARG A 173 -32.60 -12.73 -5.95
CA ARG A 173 -31.84 -11.69 -6.65
C ARG A 173 -31.92 -11.88 -8.16
N LYS A 174 -31.87 -13.13 -8.62
CA LYS A 174 -31.84 -13.39 -10.05
C LYS A 174 -33.14 -12.98 -10.74
N GLN A 175 -34.30 -13.36 -10.19
CA GLN A 175 -35.57 -12.95 -10.78
C GLN A 175 -35.87 -11.47 -10.63
N ASN A 176 -35.18 -10.74 -9.78
CA ASN A 176 -35.50 -9.35 -9.48
C ASN A 176 -34.25 -8.51 -9.60
N PRO A 177 -33.70 -8.38 -10.82
CA PRO A 177 -32.44 -7.64 -10.99
C PRO A 177 -32.50 -6.20 -10.51
N ASP A 178 -33.66 -5.55 -10.59
CA ASP A 178 -33.75 -4.13 -10.31
C ASP A 178 -33.79 -3.82 -8.82
N ILE A 179 -33.91 -4.82 -7.96
CA ILE A 179 -34.08 -4.62 -6.53
C ILE A 179 -32.74 -4.86 -5.87
N VAL A 180 -32.26 -3.90 -5.09
CA VAL A 180 -30.99 -4.07 -4.39
C VAL A 180 -31.28 -4.55 -2.97
N ILE A 181 -30.58 -5.60 -2.56
CA ILE A 181 -30.67 -6.17 -1.23
C ILE A 181 -29.28 -6.17 -0.62
N TYR A 182 -29.13 -5.49 0.50
CA TYR A 182 -27.88 -5.50 1.26
CA TYR A 182 -27.88 -5.54 1.24
C TYR A 182 -28.12 -6.25 2.56
N GLN A 183 -27.31 -7.28 2.82
CA GLN A 183 -27.31 -8.00 4.07
CA GLN A 183 -27.33 -7.97 4.08
C GLN A 183 -26.38 -7.30 5.07
N TYR A 184 -26.83 -7.17 6.29
CA TYR A 184 -26.04 -6.54 7.34
C TYR A 184 -26.47 -7.24 8.64
N MET A 185 -25.63 -8.15 9.11
CA MET A 185 -25.94 -8.90 10.33
C MET A 185 -27.30 -9.55 10.12
N ASP A 186 -28.25 -9.35 11.02
CA ASP A 186 -29.60 -9.89 10.97
C ASP A 186 -30.56 -9.11 10.06
N ASP A 187 -30.13 -8.03 9.43
CA ASP A 187 -31.02 -7.12 8.72
C ASP A 187 -30.84 -7.29 7.21
N LEU A 188 -31.95 -7.14 6.49
CA LEU A 188 -31.95 -6.98 5.05
C LEU A 188 -32.38 -5.55 4.78
N TYR A 189 -31.60 -4.82 4.01
CA TYR A 189 -31.96 -3.48 3.55
C TYR A 189 -32.38 -3.65 2.09
N VAL A 190 -33.65 -3.38 1.79
CA VAL A 190 -34.19 -3.67 0.48
C VAL A 190 -34.61 -2.37 -0.19
N GLY A 191 -34.02 -2.08 -1.34
CA GLY A 191 -34.25 -0.82 -2.02
C GLY A 191 -34.67 -1.01 -3.46
N SER A 192 -35.49 -0.09 -3.95
CA SER A 192 -36.04 -0.18 -5.30
C SER A 192 -36.51 1.18 -5.80
N ASP A 193 -36.66 1.27 -7.12
CA ASP A 193 -37.21 2.46 -7.74
C ASP A 193 -38.70 2.33 -8.08
N LEU A 194 -39.34 1.26 -7.62
CA LEU A 194 -40.77 1.04 -7.77
C LEU A 194 -41.57 2.03 -6.92
N GLU A 195 -42.75 2.39 -7.42
CA GLU A 195 -43.68 3.13 -6.57
C GLU A 195 -44.05 2.28 -5.36
N ILE A 196 -44.37 2.96 -4.25
CA ILE A 196 -44.45 2.30 -2.95
C ILE A 196 -45.33 1.05 -2.98
N GLY A 197 -46.47 1.09 -3.67
CA GLY A 197 -47.34 -0.07 -3.68
C GLY A 197 -46.71 -1.29 -4.34
N GLN A 198 -46.03 -1.10 -5.46
CA GLN A 198 -45.43 -2.24 -6.13
C GLN A 198 -44.15 -2.71 -5.41
N HIS A 199 -43.46 -1.78 -4.74
CA HIS A 199 -42.40 -2.14 -3.80
C HIS A 199 -42.92 -3.07 -2.70
N ARG A 200 -44.05 -2.70 -2.08
CA ARG A 200 -44.58 -3.54 -1.01
C ARG A 200 -44.96 -4.93 -1.51
N THR A 201 -45.41 -5.03 -2.77
CA THR A 201 -45.67 -6.36 -3.33
C THR A 201 -44.39 -7.19 -3.37
N LYS A 202 -43.26 -6.53 -3.72
CA LYS A 202 -41.99 -7.23 -3.80
C LYS A 202 -41.48 -7.61 -2.42
N ILE A 203 -41.55 -6.68 -1.47
CA ILE A 203 -41.17 -6.97 -0.09
C ILE A 203 -41.86 -8.23 0.41
N GLU A 204 -43.17 -8.35 0.17
CA GLU A 204 -43.89 -9.49 0.70
C GLU A 204 -43.55 -10.77 -0.05
N GLU A 205 -43.26 -10.66 -1.35
CA GLU A 205 -42.72 -11.82 -2.05
C GLU A 205 -41.41 -12.27 -1.43
N LEU A 206 -40.54 -11.31 -1.07
CA LEU A 206 -39.27 -11.61 -0.42
C LEU A 206 -39.48 -12.28 0.93
N ARG A 207 -40.46 -11.79 1.71
CA ARG A 207 -40.78 -12.43 2.98
C ARG A 207 -41.22 -13.88 2.78
N GLN A 208 -42.01 -14.13 1.74
CA GLN A 208 -42.45 -15.50 1.53
C GLN A 208 -41.28 -16.38 1.12
N HIS A 209 -40.39 -15.86 0.28
CA HIS A 209 -39.20 -16.59 -0.10
C HIS A 209 -38.38 -16.98 1.12
N LEU A 210 -38.06 -16.00 1.99
CA LEU A 210 -37.32 -16.29 3.22
C LEU A 210 -38.04 -17.29 4.11
N LEU A 211 -39.38 -17.22 4.17
CA LEU A 211 -40.12 -18.08 5.09
C LEU A 211 -39.99 -19.55 4.72
N ARG A 212 -39.81 -19.86 3.43
CA ARG A 212 -39.60 -21.25 3.03
C ARG A 212 -38.45 -21.90 3.81
N TRP A 213 -37.40 -21.13 4.09
CA TRP A 213 -36.27 -21.64 4.85
C TRP A 213 -36.38 -21.41 6.36
N GLY A 214 -37.53 -20.95 6.84
CA GLY A 214 -37.73 -20.76 8.26
C GLY A 214 -37.34 -19.41 8.81
N LEU A 215 -37.02 -18.43 7.94
CA LEU A 215 -36.57 -17.11 8.38
C LEU A 215 -37.74 -16.13 8.45
N THR A 216 -38.01 -15.61 9.65
CA THR A 216 -39.16 -14.76 9.90
C THR A 216 -38.75 -13.29 9.89
N THR A 217 -39.66 -12.43 9.45
CA THR A 217 -39.39 -11.02 9.28
C THR A 217 -40.61 -10.24 9.69
N PRO A 218 -40.48 -8.92 9.96
CA PRO A 218 -41.65 -8.13 10.32
C PRO A 218 -42.60 -7.99 9.14
N ASP A 219 -43.91 -8.06 9.42
CA ASP A 219 -44.90 -7.81 8.37
C ASP A 219 -45.00 -6.32 8.06
N LYS A 220 -45.76 -5.99 7.02
CA LYS A 220 -45.91 -4.59 6.61
C LYS A 220 -46.24 -3.67 7.79
N LYS A 221 -47.26 -4.03 8.60
CA LYS A 221 -47.63 -3.20 9.74
C LYS A 221 -46.48 -2.98 10.72
N HIS A 222 -45.56 -3.93 10.82
CA HIS A 222 -44.46 -3.86 11.78
C HIS A 222 -43.16 -3.38 11.17
N GLN A 223 -43.13 -2.99 9.91
CA GLN A 223 -41.89 -2.58 9.27
C GLN A 223 -41.61 -1.12 9.57
N LYS A 224 -40.34 -0.80 9.87
CA LYS A 224 -39.96 0.58 10.15
C LYS A 224 -40.05 1.42 8.87
N GLU A 225 -40.22 2.72 9.05
CA GLU A 225 -40.31 3.69 7.98
C GLU A 225 -39.03 4.52 7.93
N PRO A 226 -38.56 4.92 6.74
CA PRO A 226 -37.39 5.82 6.72
C PRO A 226 -37.66 7.08 7.54
N PRO A 227 -36.61 7.69 8.11
CA PRO A 227 -35.23 7.27 7.92
C PRO A 227 -34.80 6.14 8.86
N PHE A 228 -33.80 5.39 8.41
CA PHE A 228 -33.25 4.26 9.15
C PHE A 228 -31.99 4.69 9.91
N LEU A 229 -31.93 4.33 11.17
CA LEU A 229 -30.72 4.51 11.96
C LEU A 229 -29.83 3.28 11.74
N TRP A 230 -28.61 3.52 11.25
CA TRP A 230 -27.70 2.46 10.84
C TRP A 230 -26.27 2.96 11.01
N MET A 231 -25.52 2.34 11.94
CA MET A 231 -24.07 2.57 12.08
C MET A 231 -23.80 4.04 12.35
N GLY A 232 -24.68 4.68 13.11
CA GLY A 232 -24.54 6.09 13.41
C GLY A 232 -24.98 7.03 12.32
N TYR A 233 -25.48 6.51 11.21
CA TYR A 233 -25.99 7.33 10.14
C TYR A 233 -27.51 7.38 10.21
N GLU A 234 -28.07 8.35 9.54
CA GLU A 234 -29.51 8.44 9.37
C GLU A 234 -29.77 8.41 7.88
N LEU A 235 -30.28 7.28 7.37
CA LEU A 235 -30.42 7.05 5.93
C LEU A 235 -31.84 7.39 5.46
N HIS A 236 -31.94 8.38 4.57
CA HIS A 236 -33.18 8.70 3.87
C HIS A 236 -33.17 8.07 2.50
N PRO A 237 -34.30 8.07 1.77
CA PRO A 237 -34.25 7.52 0.42
C PRO A 237 -33.40 8.33 -0.56
N ASP A 238 -33.23 9.62 -0.29
CA ASP A 238 -32.58 10.54 -1.22
C ASP A 238 -31.37 11.25 -0.61
N LYS A 239 -31.17 11.13 0.70
CA LYS A 239 -30.07 11.81 1.37
C LYS A 239 -29.61 10.98 2.57
N TRP A 240 -28.48 11.38 3.15
CA TRP A 240 -27.98 10.78 4.37
C TRP A 240 -27.39 11.87 5.23
N THR A 241 -27.47 11.69 6.52
CA THR A 241 -26.77 12.58 7.44
C THR A 241 -26.18 11.71 8.56
N VAL A 242 -25.30 12.31 9.36
CA VAL A 242 -24.89 11.62 10.58
C VAL A 242 -25.90 11.91 11.67
N GLN A 243 -25.90 11.07 12.67
CA GLN A 243 -26.71 11.40 13.82
C GLN A 243 -26.06 12.63 14.44
N PRO A 244 -26.87 13.52 15.01
CA PRO A 244 -26.36 14.86 15.37
C PRO A 244 -25.27 14.80 16.43
N ILE A 245 -24.16 15.50 16.14
CA ILE A 245 -23.02 15.57 17.04
C ILE A 245 -23.38 16.49 18.19
N VAL A 246 -22.97 16.13 19.40
CA VAL A 246 -23.03 17.01 20.56
C VAL A 246 -21.64 17.07 21.15
N LEU A 247 -21.00 18.22 21.09
CA LEU A 247 -19.70 18.32 21.72
C LEU A 247 -19.82 19.26 22.91
N PRO A 248 -19.47 18.80 24.13
CA PRO A 248 -19.90 19.50 25.34
C PRO A 248 -19.26 20.87 25.53
N GLU A 249 -19.66 21.55 26.61
CA GLU A 249 -19.07 22.83 26.98
C GLU A 249 -18.58 22.74 28.41
N LYS A 250 -17.26 22.78 28.60
CA LYS A 250 -16.63 22.65 29.89
C LYS A 250 -15.66 23.81 30.09
N ASP A 251 -15.52 24.24 31.34
CA ASP A 251 -14.50 25.23 31.67
C ASP A 251 -13.15 24.61 32.03
N SER A 252 -13.13 23.33 32.41
CA SER A 252 -11.90 22.57 32.57
C SER A 252 -12.00 21.27 31.79
N TRP A 253 -11.00 21.02 30.95
CA TRP A 253 -10.96 19.84 30.08
C TRP A 253 -9.97 18.81 30.60
N THR A 254 -10.42 17.57 30.71
CA THR A 254 -9.55 16.47 31.09
C THR A 254 -9.04 15.72 29.85
N VAL A 255 -7.93 14.97 30.02
CA VAL A 255 -7.35 14.22 28.89
C VAL A 255 -8.39 13.32 28.26
N ASN A 256 -9.16 12.61 29.09
CA ASN A 256 -10.24 11.77 28.55
C ASN A 256 -11.27 12.60 27.80
N ASP A 257 -11.60 13.79 28.31
CA ASP A 257 -12.53 14.66 27.60
C ASP A 257 -12.00 15.05 26.23
N ILE A 258 -10.72 15.43 26.14
CA ILE A 258 -10.15 15.84 24.86
C ILE A 258 -10.15 14.67 23.88
N GLN A 259 -9.88 13.46 24.39
CA GLN A 259 -10.00 12.28 23.54
C GLN A 259 -11.42 12.14 23.00
N LYS A 260 -12.42 12.34 23.87
CA LYS A 260 -13.80 12.26 23.44
C LYS A 260 -14.11 13.29 22.35
N LEU A 261 -13.57 14.51 22.48
CA LEU A 261 -13.85 15.55 21.47
C LEU A 261 -13.25 15.18 20.12
N VAL A 262 -11.99 14.74 20.11
CA VAL A 262 -11.36 14.38 18.84
C VAL A 262 -12.11 13.25 18.15
N GLY A 263 -12.67 12.32 18.93
CA GLY A 263 -13.48 11.27 18.33
C GLY A 263 -14.73 11.81 17.68
N LYS A 264 -15.46 12.67 18.39
CA LYS A 264 -16.65 13.28 17.80
C LYS A 264 -16.28 14.16 16.61
N LEU A 265 -15.20 14.94 16.72
CA LEU A 265 -14.82 15.80 15.62
C LEU A 265 -14.37 15.02 14.39
N ASN A 266 -13.58 13.96 14.58
CA ASN A 266 -13.16 13.14 13.44
C ASN A 266 -14.36 12.37 12.85
N TRP A 267 -15.28 11.90 13.70
CA TRP A 267 -16.52 11.34 13.18
C TRP A 267 -17.32 12.38 12.38
N ALA A 268 -17.37 13.62 12.85
CA ALA A 268 -18.18 14.63 12.16
C ALA A 268 -17.58 15.02 10.83
N SER A 269 -16.26 14.87 10.67
CA SER A 269 -15.60 15.43 9.51
C SER A 269 -15.92 14.71 8.21
N GLN A 270 -16.76 13.69 8.21
CA GLN A 270 -17.11 13.04 6.95
C GLN A 270 -18.27 13.74 6.22
N ILE A 271 -18.98 14.66 6.87
CA ILE A 271 -20.07 15.38 6.23
C ILE A 271 -20.00 16.88 6.54
N TYR A 272 -19.53 17.26 7.74
CA TYR A 272 -19.29 18.66 8.07
C TYR A 272 -17.94 19.11 7.50
N PRO A 273 -17.91 20.07 6.58
CA PRO A 273 -16.63 20.45 5.95
C PRO A 273 -15.82 21.39 6.83
N GLY A 274 -14.51 21.38 6.60
CA GLY A 274 -13.58 22.25 7.32
C GLY A 274 -13.29 21.95 8.78
N ILE A 275 -13.61 20.74 9.27
CA ILE A 275 -13.26 20.39 10.64
C ILE A 275 -11.74 20.30 10.77
N LYS A 276 -11.23 20.66 11.96
CA LYS A 276 -9.80 20.69 12.27
C LYS A 276 -9.57 20.21 13.70
N VAL A 277 -8.65 19.27 13.85
CA VAL A 277 -8.35 18.68 15.16
C VAL A 277 -6.89 18.81 15.58
N ARG A 278 -6.01 19.29 14.68
CA ARG A 278 -4.58 19.26 14.95
CA ARG A 278 -4.59 19.23 14.98
C ARG A 278 -4.21 19.96 16.27
N GLN A 279 -4.94 21.00 16.64
CA GLN A 279 -4.56 21.71 17.85
C GLN A 279 -5.05 21.03 19.11
N LEU A 280 -6.18 20.31 19.04
CA LEU A 280 -6.56 19.52 20.20
C LEU A 280 -5.75 18.23 20.29
N CYS A 281 -5.16 17.79 19.18
CA CYS A 281 -4.34 16.59 19.21
C CYS A 281 -3.00 16.84 19.87
N LYS A 282 -2.39 18.00 19.61
CA LYS A 282 -1.15 18.33 20.30
C LYS A 282 -1.32 18.24 21.81
N LEU A 283 -2.49 18.59 22.33
CA LEU A 283 -2.72 18.57 23.76
C LEU A 283 -2.77 17.16 24.34
N LEU A 284 -2.84 16.11 23.50
CA LEU A 284 -2.80 14.73 23.97
C LEU A 284 -1.43 14.09 23.85
N ARG A 285 -0.41 14.87 23.49
CA ARG A 285 0.92 14.28 23.37
C ARG A 285 1.52 14.04 24.75
N GLY A 286 2.48 13.12 24.78
CA GLY A 286 3.13 12.76 26.03
C GLY A 286 2.30 11.78 26.83
N THR A 287 2.88 11.32 27.92
CA THR A 287 2.19 10.44 28.85
C THR A 287 1.44 11.30 29.87
N LYS A 288 0.18 10.99 30.07
CA LYS A 288 -0.61 11.74 31.04
C LYS A 288 -1.79 10.87 31.47
N ALA A 289 -2.02 10.82 32.77
CA ALA A 289 -3.18 10.11 33.28
C ALA A 289 -4.44 10.63 32.60
N LEU A 290 -5.45 9.78 32.51
CA LEU A 290 -6.70 10.19 31.87
C LEU A 290 -7.51 11.17 32.68
N THR A 291 -7.15 11.41 33.95
CA THR A 291 -7.85 12.38 34.78
C THR A 291 -7.19 13.74 34.80
N GLU A 292 -5.94 13.85 34.34
CA GLU A 292 -5.23 15.13 34.41
C GLU A 292 -5.99 16.22 33.68
N VAL A 293 -6.36 17.27 34.41
CA VAL A 293 -6.96 18.45 33.78
C VAL A 293 -5.89 19.17 32.95
N ILE A 294 -6.11 19.25 31.65
CA ILE A 294 -5.12 19.79 30.71
C ILE A 294 -5.54 21.21 30.34
N PRO A 295 -4.64 22.20 30.46
CA PRO A 295 -5.00 23.57 30.10
C PRO A 295 -5.05 23.72 28.58
N LEU A 296 -6.19 24.19 28.07
CA LEU A 296 -6.32 24.43 26.64
C LEU A 296 -5.43 25.59 26.22
N THR A 297 -4.50 25.33 25.29
CA THR A 297 -3.81 26.41 24.62
C THR A 297 -4.82 27.21 23.80
N GLU A 298 -4.59 28.52 23.69
CA GLU A 298 -5.62 29.36 23.10
C GLU A 298 -5.76 29.17 21.60
N GLU A 299 -4.71 28.72 20.90
CA GLU A 299 -4.91 28.35 19.50
C GLU A 299 -5.63 27.03 19.34
N ALA A 300 -5.65 26.20 20.39
CA ALA A 300 -6.61 25.10 20.46
C ALA A 300 -8.01 25.60 20.78
N GLU A 301 -8.12 26.56 21.72
CA GLU A 301 -9.41 27.18 22.05
C GLU A 301 -10.03 27.84 20.83
N LEU A 302 -9.21 28.51 20.03
CA LEU A 302 -9.67 29.11 18.78
C LEU A 302 -10.20 28.04 17.83
N GLU A 303 -9.46 26.93 17.69
CA GLU A 303 -9.87 25.82 16.84
C GLU A 303 -11.16 25.18 17.35
N LEU A 304 -11.25 24.92 18.65
CA LEU A 304 -12.50 24.39 19.20
C LEU A 304 -13.66 25.33 18.92
N ALA A 305 -13.37 26.64 18.76
CA ALA A 305 -14.44 27.61 18.52
C ALA A 305 -15.01 27.49 17.11
N GLU A 306 -14.12 27.54 16.09
CA GLU A 306 -14.55 27.35 14.71
C GLU A 306 -15.18 25.97 14.46
N ASN A 307 -14.86 24.97 15.28
CA ASN A 307 -15.55 23.70 15.13
C ASN A 307 -16.99 23.79 15.63
N ARG A 308 -17.21 24.44 16.78
CA ARG A 308 -18.58 24.66 17.25
C ARG A 308 -19.41 25.44 16.25
N GLU A 309 -18.76 26.33 15.47
CA GLU A 309 -19.47 27.05 14.41
C GLU A 309 -19.93 26.10 13.31
N ILE A 310 -19.01 25.30 12.77
CA ILE A 310 -19.33 24.35 11.70
C ILE A 310 -20.50 23.44 12.12
N LEU A 311 -20.50 22.99 13.36
CA LEU A 311 -21.47 22.00 13.76
C LEU A 311 -22.82 22.59 14.14
N LYS A 312 -22.98 23.91 14.06
CA LYS A 312 -24.29 24.51 14.32
C LYS A 312 -25.15 24.52 13.07
N GLU A 313 -24.54 24.67 11.90
CA GLU A 313 -25.27 24.55 10.66
C GLU A 313 -25.72 23.10 10.46
N PRO A 314 -26.77 22.88 9.70
CA PRO A 314 -27.17 21.50 9.42
C PRO A 314 -26.60 21.06 8.09
N VAL A 315 -26.31 19.78 7.94
CA VAL A 315 -25.73 19.27 6.69
C VAL A 315 -26.39 17.95 6.35
N HIS A 316 -26.27 17.57 5.09
CA HIS A 316 -26.57 16.22 4.70
C HIS A 316 -25.70 15.90 3.49
N GLY A 317 -25.54 14.62 3.23
CA GLY A 317 -24.88 14.23 2.00
C GLY A 317 -25.86 13.59 1.05
N VAL A 318 -25.55 13.59 -0.23
CA VAL A 318 -26.41 12.98 -1.21
C VAL A 318 -25.80 11.66 -1.64
N TYR A 319 -26.62 10.80 -2.20
CA TYR A 319 -26.16 9.54 -2.72
C TYR A 319 -25.50 9.76 -4.07
N TYR A 320 -25.07 8.68 -4.69
CA TYR A 320 -24.14 8.70 -5.80
C TYR A 320 -24.90 8.38 -7.07
N ASP A 321 -24.85 9.30 -8.03
CA ASP A 321 -25.38 9.07 -9.37
C ASP A 321 -24.27 8.49 -10.23
N PRO A 322 -24.30 7.19 -10.57
CA PRO A 322 -23.15 6.59 -11.29
C PRO A 322 -22.93 7.12 -12.70
N SER A 323 -23.77 8.01 -13.21
CA SER A 323 -23.64 8.53 -14.57
C SER A 323 -23.09 9.95 -14.61
N LYS A 324 -22.70 10.50 -13.47
CA LYS A 324 -21.94 11.74 -13.42
C LYS A 324 -20.50 11.45 -13.04
N ASP A 325 -19.64 12.42 -13.30
CA ASP A 325 -18.28 12.36 -12.76
C ASP A 325 -18.31 12.73 -11.28
N LEU A 326 -17.35 12.18 -10.54
CA LEU A 326 -17.11 12.66 -9.20
C LEU A 326 -16.06 13.75 -9.27
N ILE A 327 -16.30 14.83 -8.55
CA ILE A 327 -15.33 15.91 -8.43
C ILE A 327 -14.87 15.94 -6.98
N ALA A 328 -13.55 16.03 -6.79
CA ALA A 328 -12.95 16.21 -5.47
C ALA A 328 -12.23 17.54 -5.48
N GLU A 329 -12.48 18.35 -4.47
CA GLU A 329 -11.85 19.65 -4.36
C GLU A 329 -11.15 19.72 -3.02
N ILE A 330 -9.92 20.21 -2.99
CA ILE A 330 -9.11 20.27 -1.78
C ILE A 330 -8.81 21.72 -1.46
N GLN A 331 -8.84 22.06 -0.17
CA GLN A 331 -8.40 23.36 0.30
C GLN A 331 -7.33 23.20 1.38
N LYS A 332 -6.32 24.08 1.33
CA LYS A 332 -5.33 24.19 2.39
C LYS A 332 -5.93 24.92 3.58
N GLN A 333 -5.76 24.34 4.76
CA GLN A 333 -6.25 24.93 6.00
C GLN A 333 -5.14 25.39 6.93
N GLY A 334 -3.89 25.24 6.52
CA GLY A 334 -2.79 25.77 7.29
C GLY A 334 -2.23 24.83 8.32
N GLN A 335 -0.93 24.92 8.54
CA GLN A 335 -0.17 24.02 9.40
C GLN A 335 -0.47 22.56 9.06
N GLY A 336 -0.20 22.20 7.81
CA GLY A 336 -0.28 20.79 7.44
C GLY A 336 -1.66 20.18 7.48
N GLN A 337 -2.71 20.98 7.44
CA GLN A 337 -4.08 20.47 7.47
C GLN A 337 -4.78 20.76 6.14
N TRP A 338 -5.63 19.83 5.71
CA TRP A 338 -6.30 19.96 4.43
C TRP A 338 -7.71 19.37 4.55
N THR A 339 -8.70 20.05 3.97
CA THR A 339 -10.04 19.47 3.87
C THR A 339 -10.37 19.27 2.42
N TYR A 340 -11.36 18.40 2.19
CA TYR A 340 -11.81 18.15 0.84
C TYR A 340 -13.31 17.87 0.80
N GLN A 341 -13.86 17.95 -0.40
CA GLN A 341 -15.27 17.73 -0.64
C GLN A 341 -15.41 16.91 -1.92
N ILE A 342 -16.29 15.91 -1.88
CA ILE A 342 -16.65 15.14 -3.07
C ILE A 342 -18.09 15.47 -3.43
N TYR A 343 -18.32 15.79 -4.70
CA TYR A 343 -19.64 16.11 -5.18
C TYR A 343 -19.71 15.77 -6.65
N GLN A 344 -20.93 15.68 -7.17
CA GLN A 344 -21.11 15.57 -8.61
C GLN A 344 -21.86 16.74 -9.20
N GLU A 345 -22.76 17.34 -8.45
CA GLU A 345 -23.45 18.58 -8.73
C GLU A 345 -23.01 19.62 -7.73
N PRO A 346 -22.77 20.85 -8.17
CA PRO A 346 -22.16 21.84 -7.28
C PRO A 346 -23.00 22.06 -6.02
N PHE A 347 -22.30 22.14 -4.89
CA PHE A 347 -22.89 22.38 -3.56
C PHE A 347 -23.77 21.24 -3.09
N LYS A 348 -23.68 20.06 -3.71
CA LYS A 348 -24.39 18.88 -3.22
C LYS A 348 -23.36 17.79 -2.91
N ASN A 349 -22.79 17.85 -1.71
CA ASN A 349 -21.69 16.96 -1.33
C ASN A 349 -22.17 15.53 -1.12
N LEU A 350 -21.43 14.57 -1.68
CA LEU A 350 -21.57 13.20 -1.22
C LEU A 350 -20.92 13.02 0.14
N LYS A 351 -19.75 13.60 0.34
CA LYS A 351 -19.03 13.48 1.60
C LYS A 351 -17.86 14.45 1.59
N THR A 352 -17.35 14.68 2.79
CA THR A 352 -16.20 15.52 3.02
C THR A 352 -15.21 14.73 3.84
N GLY A 353 -14.01 15.27 3.99
CA GLY A 353 -13.05 14.66 4.87
C GLY A 353 -11.91 15.62 5.11
N LYS A 354 -10.90 15.11 5.80
CA LYS A 354 -9.73 15.91 6.15
C LYS A 354 -8.49 15.06 5.94
N TYR A 355 -7.35 15.75 5.85
CA TYR A 355 -6.06 15.08 5.75
C TYR A 355 -5.08 15.83 6.65
N ALA A 356 -4.36 15.08 7.47
CA ALA A 356 -3.39 15.70 8.36
C ALA A 356 -2.03 15.06 8.17
N ARG A 357 -0.99 15.88 8.03
CA ARG A 357 0.46 15.65 7.81
CA ARG A 357 0.40 15.53 7.76
C ARG A 357 1.17 14.46 9.12
N MET A 358 2.41 13.99 9.17
CA MET A 358 2.92 13.32 10.35
C MET A 358 2.92 14.28 11.54
N ARG A 359 3.25 15.53 11.26
CA ARG A 359 3.31 16.58 12.32
C ARG A 359 4.72 16.96 12.76
N GLY A 360 5.47 16.00 13.27
CA GLY A 360 6.82 16.31 13.70
C GLY A 360 7.66 16.76 12.52
N ALA A 361 7.52 16.07 11.41
CA ALA A 361 8.24 16.39 10.19
C ALA A 361 7.66 17.62 9.49
N HIS A 362 8.51 18.30 8.73
CA HIS A 362 8.09 19.45 7.94
C HIS A 362 8.15 18.98 6.51
N THR A 363 7.05 19.12 5.78
CA THR A 363 6.99 18.61 4.43
C THR A 363 6.66 19.76 3.50
N ASN A 364 7.13 19.65 2.28
CA ASN A 364 6.83 20.62 1.24
C ASN A 364 5.34 20.61 0.93
N ASP A 365 4.77 21.78 0.65
CA ASP A 365 3.34 21.87 0.46
C ASP A 365 2.87 21.11 -0.79
N VAL A 366 3.62 21.16 -1.89
CA VAL A 366 3.23 20.36 -3.05
C VAL A 366 3.14 18.89 -2.66
N LYS A 367 4.00 18.45 -1.75
CA LYS A 367 4.08 17.05 -1.35
C LYS A 367 2.89 16.69 -0.47
N GLN A 368 2.62 17.50 0.56
CA GLN A 368 1.42 17.33 1.37
C GLN A 368 0.16 17.28 0.51
N LEU A 369 0.06 18.20 -0.46
CA LEU A 369 -1.11 18.16 -1.34
C LEU A 369 -1.16 16.86 -2.12
N THR A 370 -0.01 16.35 -2.55
CA THR A 370 -0.02 15.11 -3.33
C THR A 370 -0.43 13.92 -2.49
N GLU A 371 -0.25 13.99 -1.18
CA GLU A 371 -0.66 12.87 -0.37
C GLU A 371 -2.12 12.95 0.01
N ALA A 372 -2.66 14.17 0.19
CA ALA A 372 -4.11 14.36 0.25
C ALA A 372 -4.77 13.74 -0.98
N VAL A 373 -4.26 14.05 -2.17
CA VAL A 373 -4.81 13.46 -3.37
C VAL A 373 -4.75 11.94 -3.31
N GLN A 374 -3.62 11.41 -2.85
CA GLN A 374 -3.41 9.97 -2.76
C GLN A 374 -4.42 9.33 -1.79
N LYS A 375 -4.62 9.92 -0.63
CA LYS A 375 -5.59 9.40 0.31
C LYS A 375 -7.00 9.43 -0.28
N ILE A 376 -7.40 10.58 -0.85
CA ILE A 376 -8.73 10.73 -1.45
C ILE A 376 -8.92 9.74 -2.58
N THR A 377 -7.87 9.54 -3.40
CA THR A 377 -7.99 8.60 -4.53
C THR A 377 -8.25 7.19 -4.03
N THR A 378 -7.57 6.78 -2.97
CA THR A 378 -7.79 5.44 -2.44
C THR A 378 -9.19 5.31 -1.85
N GLU A 379 -9.60 6.30 -1.04
CA GLU A 379 -10.95 6.27 -0.50
C GLU A 379 -12.00 6.22 -1.61
N SER A 380 -11.75 6.95 -2.70
CA SER A 380 -12.75 7.04 -3.74
C SER A 380 -12.91 5.74 -4.51
N ILE A 381 -11.84 4.95 -4.65
CA ILE A 381 -11.97 3.63 -5.29
C ILE A 381 -12.74 2.66 -4.40
N VAL A 382 -12.54 2.76 -3.08
CA VAL A 382 -13.31 1.94 -2.15
C VAL A 382 -14.80 2.26 -2.25
N ILE A 383 -15.17 3.54 -2.19
CA ILE A 383 -16.57 3.89 -2.03
C ILE A 383 -17.33 3.82 -3.36
N TRP A 384 -16.74 4.31 -4.46
CA TRP A 384 -17.44 4.38 -5.75
C TRP A 384 -16.83 3.53 -6.86
N GLY A 385 -15.69 2.89 -6.64
CA GLY A 385 -15.12 2.10 -7.71
C GLY A 385 -14.56 2.89 -8.87
N LYS A 386 -14.34 4.20 -8.70
CA LYS A 386 -13.69 4.99 -9.74
C LYS A 386 -13.02 6.18 -9.09
N THR A 387 -11.99 6.73 -9.78
CA THR A 387 -11.26 7.85 -9.17
C THR A 387 -11.90 9.17 -9.62
N PRO A 388 -11.81 10.21 -8.79
CA PRO A 388 -12.44 11.49 -9.15
C PRO A 388 -11.57 12.36 -10.06
N LYS A 389 -12.19 13.46 -10.49
CA LYS A 389 -11.53 14.61 -11.09
C LYS A 389 -11.20 15.58 -9.96
N PHE A 390 -9.97 16.05 -9.92
CA PHE A 390 -9.56 16.88 -8.80
C PHE A 390 -9.58 18.35 -9.18
N LYS A 391 -9.82 19.20 -8.19
CA LYS A 391 -9.67 20.65 -8.34
C LYS A 391 -8.77 21.13 -7.21
N LEU A 392 -7.56 21.58 -7.55
CA LEU A 392 -6.51 21.78 -6.54
C LEU A 392 -5.97 23.19 -6.55
N PRO A 393 -5.73 23.75 -5.44
CA PRO A 393 -5.20 25.12 -5.35
C PRO A 393 -3.71 25.22 -5.67
N ILE A 394 -3.33 24.82 -6.88
CA ILE A 394 -1.93 24.80 -7.29
C ILE A 394 -1.89 24.98 -8.80
N GLN A 395 -0.98 25.84 -9.27
CA GLN A 395 -0.89 26.08 -10.69
C GLN A 395 -0.21 24.88 -11.36
N LYS A 396 -0.60 24.60 -12.61
CA LYS A 396 -0.09 23.41 -13.28
C LYS A 396 1.41 23.46 -13.52
N GLU A 397 2.02 24.63 -13.47
CA GLU A 397 3.46 24.71 -13.63
C GLU A 397 4.19 24.79 -12.29
N THR A 398 3.55 25.29 -11.23
CA THR A 398 4.09 25.07 -9.90
C THR A 398 4.22 23.58 -9.61
N TRP A 399 3.20 22.80 -9.95
CA TRP A 399 3.28 21.36 -9.80
C TRP A 399 4.40 20.78 -10.67
N GLU A 400 4.58 21.31 -11.88
CA GLU A 400 5.53 20.71 -12.80
C GLU A 400 6.97 20.95 -12.37
N THR A 401 7.31 22.18 -11.97
CA THR A 401 8.68 22.44 -11.56
C THR A 401 9.05 21.66 -10.31
N TRP A 402 8.09 21.41 -9.42
CA TRP A 402 8.43 20.67 -8.22
C TRP A 402 8.64 19.19 -8.50
N TRP A 403 7.72 18.56 -9.24
CA TRP A 403 7.82 17.13 -9.38
C TRP A 403 8.92 16.69 -10.34
N THR A 404 9.31 17.55 -11.29
CA THR A 404 10.40 17.19 -12.18
C THR A 404 11.76 17.36 -11.51
N GLU A 405 11.83 18.12 -10.43
CA GLU A 405 13.05 18.32 -9.67
C GLU A 405 13.15 17.44 -8.43
N TYR A 406 12.18 16.54 -8.20
CA TYR A 406 12.14 15.70 -7.00
C TYR A 406 12.50 14.26 -7.36
N TRP A 407 13.20 13.59 -6.43
CA TRP A 407 13.73 12.24 -6.70
C TRP A 407 12.60 11.21 -6.83
N GLN A 408 11.46 11.45 -6.18
CA GLN A 408 10.36 10.49 -6.09
C GLN A 408 9.40 10.60 -7.27
N ALA A 409 8.85 9.47 -7.68
CA ALA A 409 7.83 9.44 -8.70
C ALA A 409 6.44 9.61 -8.09
N THR A 410 5.52 10.15 -8.88
CA THR A 410 4.11 10.21 -8.51
C THR A 410 3.30 10.33 -9.77
N TRP A 411 1.97 10.35 -9.59
CA TRP A 411 1.07 10.45 -10.72
C TRP A 411 -0.34 10.75 -10.28
N VAL A 412 -0.84 11.93 -10.64
CA VAL A 412 -2.25 12.28 -10.51
C VAL A 412 -2.84 12.30 -11.92
N PRO A 413 -3.73 11.37 -12.27
CA PRO A 413 -4.20 11.30 -13.66
C PRO A 413 -4.93 12.55 -14.16
N GLU A 414 -5.83 13.17 -13.38
CA GLU A 414 -6.49 14.36 -13.92
C GLU A 414 -6.96 15.30 -12.83
N TRP A 415 -6.43 16.51 -12.89
CA TRP A 415 -6.74 17.57 -11.95
C TRP A 415 -6.64 18.87 -12.73
N GLU A 416 -7.11 19.96 -12.13
CA GLU A 416 -7.03 21.25 -12.79
C GLU A 416 -6.95 22.34 -11.72
N PHE A 417 -6.37 23.47 -12.10
CA PHE A 417 -6.19 24.58 -11.17
C PHE A 417 -7.55 25.20 -10.84
N VAL A 418 -7.79 25.47 -9.56
CA VAL A 418 -8.95 26.22 -9.11
C VAL A 418 -8.44 27.30 -8.15
N ASN A 419 -8.77 28.55 -8.44
CA ASN A 419 -8.13 29.71 -7.83
C ASN A 419 -8.70 30.05 -6.47
N THR A 420 -8.83 29.07 -5.57
CA THR A 420 -9.34 29.37 -4.24
C THR A 420 -8.18 29.41 -3.25
N PRO A 421 -7.74 30.60 -2.79
CA PRO A 421 -6.66 30.78 -1.81
C PRO A 421 -6.95 30.12 -0.46
N PRO A 422 -5.89 29.85 0.35
CA PRO A 422 -4.46 29.94 0.04
C PRO A 422 -3.97 28.97 -1.00
N LEU A 423 -3.47 29.50 -2.12
CA LEU A 423 -2.77 28.68 -3.10
C LEU A 423 -1.52 28.03 -2.49
N VAL A 424 -0.98 27.03 -3.16
CA VAL A 424 0.34 26.52 -2.83
C VAL A 424 1.30 26.98 -3.91
N LYS A 425 2.44 27.52 -3.46
CA LYS A 425 3.47 28.05 -4.33
C LYS A 425 4.83 27.80 -3.68
N LEU A 426 5.87 27.85 -4.49
CA LEU A 426 7.23 27.70 -4.02
C LEU A 426 7.78 29.07 -3.65
N TRP A 427 8.04 29.29 -2.37
CA TRP A 427 8.43 30.61 -1.90
C TRP A 427 9.75 31.07 -2.53
N TYR A 428 10.70 30.16 -2.74
CA TYR A 428 12.01 30.56 -3.26
C TYR A 428 12.51 29.54 -4.29
N GLN A 429 13.52 29.96 -5.06
CA GLN A 429 14.11 29.11 -6.08
C GLN A 429 15.63 29.18 -5.97
N LEU A 430 16.26 28.05 -5.65
CA LEU A 430 17.70 27.98 -5.49
C LEU A 430 18.38 27.95 -6.84
N GLU A 431 19.65 28.34 -6.83
CA GLU A 431 20.46 28.41 -8.03
C GLU A 431 21.02 27.05 -8.41
N LYS A 432 21.24 26.85 -9.71
CA LYS A 432 21.83 25.62 -10.20
C LYS A 432 23.34 25.72 -10.35
N GLU A 433 23.87 26.92 -10.46
CA GLU A 433 25.27 27.26 -10.70
C GLU A 433 25.72 28.27 -9.65
N PRO A 434 27.00 28.23 -9.26
CA PRO A 434 27.48 29.17 -8.25
C PRO A 434 27.48 30.59 -8.79
N ILE A 435 27.24 31.53 -7.90
CA ILE A 435 27.04 32.92 -8.25
C ILE A 435 28.38 33.62 -8.27
N VAL A 436 28.77 34.13 -9.45
CA VAL A 436 30.02 34.90 -9.57
C VAL A 436 29.92 36.18 -8.75
N GLY A 437 31.03 36.54 -8.10
CA GLY A 437 31.09 37.73 -7.28
C GLY A 437 30.27 37.75 -6.01
N ALA A 438 29.63 36.64 -5.62
CA ALA A 438 28.96 36.58 -4.33
C ALA A 438 29.86 35.89 -3.31
N GLU A 439 29.70 36.26 -2.05
CA GLU A 439 30.59 35.79 -1.00
C GLU A 439 30.32 34.31 -0.72
N THR A 440 31.37 33.49 -0.72
CA THR A 440 31.26 32.06 -0.44
C THR A 440 31.41 31.81 1.06
N PHE A 441 30.37 31.27 1.69
CA PHE A 441 30.42 30.86 3.10
C PHE A 441 30.62 29.35 3.22
N TYR A 442 31.52 28.94 4.12
CA TYR A 442 31.64 27.55 4.52
C TYR A 442 31.08 27.41 5.93
N VAL A 443 30.06 26.57 6.09
CA VAL A 443 29.33 26.49 7.34
C VAL A 443 29.59 25.12 7.97
N ASP A 444 29.41 25.08 9.29
CA ASP A 444 29.64 23.86 10.03
C ASP A 444 29.07 24.02 11.43
N GLY A 445 28.71 22.88 12.03
CA GLY A 445 28.28 22.84 13.41
C GLY A 445 28.89 21.63 14.11
N ALA A 446 28.83 21.66 15.44
CA ALA A 446 29.37 20.57 16.23
C ALA A 446 28.62 20.52 17.55
N ALA A 447 28.41 19.31 18.07
CA ALA A 447 27.72 19.15 19.33
C ALA A 447 28.28 17.94 20.05
N SER A 448 28.19 17.96 21.38
CA SER A 448 28.52 16.82 22.20
C SER A 448 27.22 16.28 22.77
N ARG A 449 27.05 14.95 22.69
CA ARG A 449 25.79 14.33 23.06
C ARG A 449 25.56 14.36 24.56
N GLU A 450 26.63 14.19 25.34
CA GLU A 450 26.53 14.14 26.79
C GLU A 450 26.00 15.45 27.36
N THR A 451 26.70 16.56 27.07
CA THR A 451 26.38 17.85 27.66
C THR A 451 25.31 18.60 26.89
N LYS A 452 25.00 18.18 25.66
CA LYS A 452 24.07 18.86 24.77
C LYS A 452 24.52 20.29 24.47
N LEU A 453 25.83 20.54 24.49
CA LEU A 453 26.40 21.81 24.12
C LEU A 453 26.93 21.77 22.69
N GLY A 454 26.83 22.91 22.00
CA GLY A 454 27.26 22.95 20.62
C GLY A 454 27.70 24.33 20.16
N LYS A 455 28.26 24.36 18.96
CA LYS A 455 28.71 25.59 18.33
C LYS A 455 28.31 25.53 16.86
N ALA A 456 28.08 26.71 16.29
CA ALA A 456 27.84 26.82 14.86
C ALA A 456 28.56 28.05 14.33
N GLY A 457 29.08 27.96 13.10
CA GLY A 457 29.71 29.13 12.55
C GLY A 457 29.98 29.01 11.07
N TYR A 458 30.69 30.00 10.54
CA TYR A 458 31.11 30.01 9.15
C TYR A 458 32.51 30.62 9.03
N VAL A 459 33.12 30.42 7.86
CA VAL A 459 34.27 31.17 7.41
C VAL A 459 34.03 31.51 5.94
N THR A 460 34.61 32.61 5.49
CA THR A 460 34.24 33.25 4.25
C THR A 460 35.48 33.47 3.37
N ASN A 461 35.29 33.43 2.04
CA ASN A 461 36.42 33.64 1.13
C ASN A 461 36.98 35.05 1.22
N LYS A 462 36.13 36.03 1.55
CA LYS A 462 36.49 37.42 1.83
C LYS A 462 37.06 37.63 3.24
N GLY A 463 37.41 36.56 3.95
CA GLY A 463 38.09 36.69 5.23
C GLY A 463 37.23 36.78 6.47
N ARG A 464 35.91 36.64 6.36
CA ARG A 464 35.04 36.81 7.53
C ARG A 464 34.73 35.48 8.20
N GLN A 465 34.44 35.55 9.50
CA GLN A 465 34.14 34.32 10.23
C GLN A 465 33.40 34.64 11.52
N LYS A 466 32.60 33.68 11.97
CA LYS A 466 31.82 33.80 13.19
C LYS A 466 31.62 32.41 13.78
N VAL A 467 31.55 32.34 15.10
CA VAL A 467 31.13 31.14 15.81
C VAL A 467 30.24 31.55 16.97
N VAL A 468 29.19 30.77 17.21
CA VAL A 468 28.22 31.00 18.27
C VAL A 468 28.05 29.70 19.04
N THR A 469 27.83 29.82 20.34
CA THR A 469 27.71 28.65 21.19
C THR A 469 26.24 28.45 21.57
N LEU A 470 25.80 27.20 21.51
CA LEU A 470 24.39 26.85 21.71
C LEU A 470 24.27 25.83 22.84
N THR A 471 23.17 25.93 23.57
CA THR A 471 22.90 25.11 24.74
C THR A 471 21.63 24.29 24.48
N ASP A 472 21.68 23.01 24.88
CA ASP A 472 20.56 22.07 24.69
C ASP A 472 20.26 21.87 23.20
N THR A 473 21.24 21.30 22.50
CA THR A 473 21.23 21.29 21.04
C THR A 473 21.76 19.94 20.53
N THR A 474 21.72 19.77 19.21
CA THR A 474 22.10 18.52 18.55
C THR A 474 22.96 18.84 17.34
N ASN A 475 23.68 17.82 16.87
CA ASN A 475 24.43 17.98 15.64
C ASN A 475 23.55 18.52 14.52
N GLN A 476 22.30 18.06 14.45
CA GLN A 476 21.43 18.43 13.36
C GLN A 476 21.01 19.89 13.47
N LYS A 477 20.72 20.34 14.70
CA LYS A 477 20.36 21.74 14.91
C LYS A 477 21.52 22.67 14.59
N THR A 478 22.75 22.29 14.97
CA THR A 478 23.87 23.20 14.75
C THR A 478 24.18 23.36 13.27
N GLU A 479 24.04 22.31 12.46
CA GLU A 479 24.24 22.48 11.02
C GLU A 479 23.22 23.45 10.43
N LEU A 480 22.02 23.54 11.02
CA LEU A 480 21.02 24.48 10.53
C LEU A 480 21.29 25.88 11.05
N GLN A 481 21.71 25.98 12.32
CA GLN A 481 22.14 27.26 12.87
C GLN A 481 23.26 27.87 12.04
N ALA A 482 24.21 27.05 11.59
CA ALA A 482 25.32 27.57 10.80
C ALA A 482 24.83 28.15 9.50
N ILE A 483 23.85 27.49 8.87
CA ILE A 483 23.22 28.04 7.67
C ILE A 483 22.39 29.27 8.01
N HIS A 484 21.77 29.26 9.20
CA HIS A 484 21.06 30.44 9.69
C HIS A 484 21.99 31.65 9.76
N LEU A 485 23.20 31.46 10.30
CA LEU A 485 24.14 32.57 10.45
C LEU A 485 24.67 33.06 9.10
N ALA A 486 25.03 32.15 8.20
CA ALA A 486 25.53 32.58 6.90
C ALA A 486 24.48 33.42 6.16
N LEU A 487 23.20 33.06 6.30
CA LEU A 487 22.13 33.85 5.69
C LEU A 487 21.98 35.18 6.41
N GLN A 488 22.06 35.15 7.74
CA GLN A 488 21.87 36.37 8.55
C GLN A 488 22.92 37.43 8.24
N ASP A 489 24.14 37.01 7.92
CA ASP A 489 25.28 37.92 7.82
C ASP A 489 25.81 38.05 6.39
N SER A 490 25.02 37.73 5.38
CA SER A 490 25.48 37.92 4.01
C SER A 490 24.58 38.91 3.29
N GLY A 491 24.86 39.11 2.00
CA GLY A 491 24.08 39.98 1.16
C GLY A 491 23.09 39.19 0.31
N LEU A 492 22.31 39.95 -0.46
CA LEU A 492 21.23 39.39 -1.28
C LEU A 492 21.68 38.29 -2.22
N GLU A 493 22.99 38.12 -2.43
CA GLU A 493 23.52 37.02 -3.21
C GLU A 493 24.59 36.31 -2.38
N VAL A 494 24.52 34.99 -2.29
CA VAL A 494 25.42 34.25 -1.41
C VAL A 494 25.57 32.83 -1.92
N ASN A 495 26.80 32.30 -1.82
CA ASN A 495 27.09 30.87 -2.00
C ASN A 495 27.35 30.27 -0.62
N ILE A 496 26.65 29.17 -0.31
CA ILE A 496 26.83 28.48 0.97
C ILE A 496 27.23 27.03 0.73
N VAL A 497 28.18 26.54 1.52
CA VAL A 497 28.78 25.21 1.35
C VAL A 497 28.67 24.49 2.68
N THR A 498 28.04 23.33 2.68
CA THR A 498 27.79 22.56 3.89
C THR A 498 28.17 21.11 3.64
N ASP A 499 28.38 20.37 4.72
CA ASP A 499 28.56 18.92 4.60
C ASP A 499 27.34 18.16 5.10
N SER A 500 26.29 18.87 5.51
CA SER A 500 25.06 18.27 5.99
C SER A 500 24.07 18.07 4.84
N GLN A 501 23.99 16.83 4.32
CA GLN A 501 22.92 16.51 3.37
C GLN A 501 21.54 16.59 4.00
N TYR A 502 21.44 16.46 5.32
CA TYR A 502 20.22 16.71 6.07
C TYR A 502 19.79 18.16 5.97
N ALA A 503 20.60 19.07 6.52
CA ALA A 503 20.30 20.49 6.46
C ALA A 503 20.02 20.94 5.04
N LEU A 504 20.78 20.43 4.09
CA LEU A 504 20.60 20.81 2.69
C LEU A 504 19.28 20.29 2.13
N GLY A 505 18.90 19.06 2.50
CA GLY A 505 17.66 18.50 2.00
C GLY A 505 16.42 19.21 2.51
N ILE A 506 16.46 19.70 3.75
CA ILE A 506 15.37 20.50 4.29
C ILE A 506 15.19 21.76 3.45
N ILE A 507 16.29 22.42 3.09
CA ILE A 507 16.20 23.67 2.36
C ILE A 507 15.70 23.44 0.94
N GLN A 508 16.20 22.39 0.27
CA GLN A 508 15.77 22.17 -1.13
C GLN A 508 14.33 21.69 -1.20
N ALA A 509 13.88 20.91 -0.23
CA ALA A 509 12.49 20.46 -0.19
C ALA A 509 11.62 21.48 0.58
N GLN A 510 11.62 22.73 0.08
CA GLN A 510 11.10 23.94 0.71
C GLN A 510 9.93 23.69 1.63
N PRO A 511 10.16 23.71 2.95
CA PRO A 511 9.10 23.34 3.89
C PRO A 511 8.02 24.38 4.00
N ASP A 512 6.81 23.90 4.28
CA ASP A 512 5.75 24.72 4.81
C ASP A 512 6.15 25.21 6.20
N GLN A 513 5.41 26.18 6.72
CA GLN A 513 5.62 26.59 8.10
C GLN A 513 5.41 25.38 9.01
N SER A 514 6.34 25.19 9.93
CA SER A 514 6.40 23.92 10.65
C SER A 514 6.46 24.14 12.16
N GLU A 515 6.78 23.08 12.89
CA GLU A 515 6.87 23.17 14.34
C GLU A 515 8.19 23.78 14.80
N SER A 516 9.19 23.86 13.93
CA SER A 516 10.51 24.36 14.30
C SER A 516 10.64 25.82 13.90
N GLU A 517 10.95 26.68 14.88
CA GLU A 517 11.16 28.08 14.55
C GLU A 517 12.46 28.29 13.78
N LEU A 518 13.47 27.43 14.01
CA LEU A 518 14.73 27.56 13.29
C LEU A 518 14.51 27.42 11.79
N VAL A 519 13.80 26.37 11.35
CA VAL A 519 13.63 26.21 9.91
C VAL A 519 12.73 27.31 9.36
N ASN A 520 11.81 27.85 10.17
CA ASN A 520 10.95 28.92 9.66
C ASN A 520 11.73 30.20 9.43
N GLN A 521 12.59 30.56 10.38
CA GLN A 521 13.52 31.66 10.16
C GLN A 521 14.30 31.48 8.87
N ILE A 522 14.81 30.27 8.64
CA ILE A 522 15.64 30.03 7.46
C ILE A 522 14.83 30.20 6.18
N ILE A 523 13.60 29.67 6.13
CA ILE A 523 12.75 29.89 4.96
C ILE A 523 12.52 31.38 4.74
N GLU A 524 12.25 32.12 5.83
CA GLU A 524 12.06 33.57 5.73
C GLU A 524 13.30 34.25 5.15
N GLN A 525 14.49 33.92 5.70
CA GLN A 525 15.74 34.48 5.21
C GLN A 525 15.92 34.19 3.71
N LEU A 526 15.50 33.01 3.26
CA LEU A 526 15.73 32.61 1.88
C LEU A 526 14.80 33.30 0.89
N ILE A 527 13.56 33.66 1.29
CA ILE A 527 12.71 34.42 0.39
C ILE A 527 13.28 35.81 0.15
N LYS A 528 13.74 36.46 1.24
CA LYS A 528 14.36 37.78 1.16
C LYS A 528 15.64 37.80 0.32
N LYS A 529 16.32 36.66 0.17
CA LYS A 529 17.50 36.67 -0.68
C LYS A 529 17.09 36.80 -2.15
N GLU A 530 18.05 37.22 -2.95
CA GLU A 530 17.92 37.44 -4.38
C GLU A 530 18.53 36.31 -5.20
N LYS A 531 19.67 35.78 -4.76
CA LYS A 531 20.28 34.59 -5.35
C LYS A 531 20.96 33.78 -4.25
N VAL A 532 20.69 32.47 -4.19
CA VAL A 532 21.33 31.60 -3.20
C VAL A 532 21.72 30.31 -3.88
N TYR A 533 23.01 29.97 -3.81
CA TYR A 533 23.49 28.67 -4.27
C TYR A 533 23.99 27.89 -3.07
N LEU A 534 23.55 26.63 -2.95
CA LEU A 534 23.94 25.72 -1.89
C LEU A 534 24.61 24.50 -2.48
N ALA A 535 25.70 24.11 -1.85
CA ALA A 535 26.52 23.02 -2.34
C ALA A 535 26.85 22.13 -1.17
N TRP A 536 26.99 20.84 -1.46
CA TRP A 536 27.40 19.88 -0.45
C TRP A 536 28.84 19.44 -0.73
N VAL A 537 29.63 19.32 0.33
CA VAL A 537 30.94 18.67 0.23
C VAL A 537 31.08 17.61 1.32
N PRO A 538 31.80 16.53 1.07
CA PRO A 538 32.03 15.55 2.13
C PRO A 538 32.95 16.12 3.19
N ALA A 539 32.57 15.89 4.45
CA ALA A 539 33.40 16.18 5.61
C ALA A 539 34.70 15.34 5.60
N HIS A 540 35.72 15.85 6.30
CA HIS A 540 36.97 15.11 6.61
C HIS A 540 37.72 14.66 5.36
N LYS A 541 37.80 15.52 4.36
CA LYS A 541 38.54 15.22 3.14
C LYS A 541 39.64 16.23 2.87
N GLY A 542 39.89 17.16 3.80
CA GLY A 542 40.85 18.21 3.54
C GLY A 542 40.40 19.27 2.56
N ILE A 543 39.10 19.31 2.29
CA ILE A 543 38.53 20.34 1.42
C ILE A 543 38.61 21.69 2.13
N GLY A 544 39.38 22.62 1.56
CA GLY A 544 39.47 23.98 2.07
C GLY A 544 38.14 24.66 2.29
N GLY A 545 38.14 25.64 3.18
CA GLY A 545 36.89 26.26 3.58
C GLY A 545 36.24 25.42 4.64
N ASN A 546 35.75 24.24 4.23
CA ASN A 546 35.08 23.34 5.16
C ASN A 546 36.00 22.98 6.30
N GLU A 547 37.28 22.69 5.99
CA GLU A 547 38.30 22.39 7.00
C GLU A 547 38.51 23.55 7.97
N GLN A 548 38.70 24.77 7.44
CA GLN A 548 38.88 25.94 8.29
C GLN A 548 37.68 26.14 9.22
N VAL A 549 36.45 26.07 8.69
CA VAL A 549 35.30 26.31 9.58
C VAL A 549 35.14 25.18 10.58
N ASP A 550 35.51 23.95 10.20
CA ASP A 550 35.46 22.83 11.13
C ASP A 550 36.41 23.02 12.31
N LYS A 551 37.64 23.52 12.05
CA LYS A 551 38.57 23.76 13.15
C LYS A 551 38.02 24.79 14.12
N LEU A 552 37.39 25.83 13.58
CA LEU A 552 36.77 26.88 14.39
C LEU A 552 35.68 26.34 15.29
N VAL A 553 34.71 25.64 14.69
CA VAL A 553 33.48 25.26 15.37
C VAL A 553 33.72 24.11 16.34
N SER A 554 34.71 23.26 16.08
CA SER A 554 34.96 22.11 16.93
C SER A 554 35.89 22.41 18.09
N ALA A 555 36.29 23.67 18.29
CA ALA A 555 37.30 24.01 19.29
C ALA A 555 36.81 23.70 20.71
N GLY A 556 35.73 24.33 21.13
CA GLY A 556 35.28 24.01 22.47
C GLY A 556 34.57 22.69 22.66
N ILE A 557 34.49 21.85 21.62
CA ILE A 557 33.52 20.75 21.56
C ILE A 557 34.20 19.39 21.44
N ARG A 558 35.28 19.29 20.67
CA ARG A 558 36.08 18.07 20.62
C ARG A 558 37.29 18.20 21.55
N ILE B 6 -5.95 -38.37 -15.48
CA ILE B 6 -4.78 -37.56 -15.15
C ILE B 6 -4.59 -37.51 -13.64
N GLU B 7 -3.35 -37.72 -13.18
CA GLU B 7 -3.05 -37.93 -11.76
C GLU B 7 -2.23 -36.76 -11.21
N THR B 8 -2.56 -36.32 -9.98
CA THR B 8 -2.01 -35.08 -9.43
C THR B 8 -0.78 -35.35 -8.56
N VAL B 9 0.21 -34.48 -8.70
CA VAL B 9 1.41 -34.46 -7.85
C VAL B 9 1.01 -33.95 -6.47
N PRO B 10 1.22 -34.71 -5.39
CA PRO B 10 1.02 -34.13 -4.06
C PRO B 10 1.91 -32.91 -3.86
N VAL B 11 1.32 -31.84 -3.32
CA VAL B 11 2.01 -30.60 -2.99
C VAL B 11 1.86 -30.37 -1.49
N LYS B 12 2.80 -29.62 -0.93
CA LYS B 12 2.76 -29.39 0.51
C LYS B 12 3.53 -28.11 0.82
N LEU B 13 2.99 -27.32 1.76
CA LEU B 13 3.76 -26.23 2.34
C LEU B 13 4.85 -26.79 3.26
N LYS B 14 5.93 -26.02 3.42
CA LYS B 14 6.94 -26.35 4.43
C LYS B 14 6.24 -26.54 5.78
N PRO B 15 6.60 -27.58 6.55
CA PRO B 15 5.68 -28.08 7.60
C PRO B 15 5.46 -27.15 8.78
N GLY B 16 6.08 -25.97 8.83
CA GLY B 16 5.76 -24.96 9.83
C GLY B 16 4.93 -23.81 9.31
N MET B 17 4.45 -23.87 8.08
CA MET B 17 3.88 -22.73 7.39
C MET B 17 2.35 -22.81 7.36
N ASP B 18 1.72 -21.63 7.35
CA ASP B 18 0.30 -21.46 7.12
C ASP B 18 0.07 -21.01 5.68
N GLY B 19 -1.19 -21.02 5.26
CA GLY B 19 -1.54 -20.63 3.91
C GLY B 19 -1.57 -19.13 3.74
N PRO B 20 -1.65 -18.68 2.50
CA PRO B 20 -1.71 -17.23 2.24
C PRO B 20 -2.97 -16.63 2.84
N LYS B 21 -2.79 -15.52 3.55
CA LYS B 21 -3.90 -14.69 4.03
C LYS B 21 -3.62 -13.23 3.69
N VAL B 22 -3.53 -12.94 2.39
CA VAL B 22 -3.20 -11.59 1.92
C VAL B 22 -4.47 -10.81 1.67
N LYS B 23 -4.51 -9.57 2.17
CA LYS B 23 -5.67 -8.72 1.97
C LYS B 23 -5.75 -8.30 0.51
N GLN B 24 -6.99 -8.28 -0.01
CA GLN B 24 -7.27 -7.84 -1.39
C GLN B 24 -7.24 -6.33 -1.47
N TRP B 25 -6.35 -5.77 -2.29
CA TRP B 25 -6.38 -4.34 -2.53
C TRP B 25 -7.67 -3.99 -3.31
N PRO B 26 -8.30 -2.84 -3.03
CA PRO B 26 -9.60 -2.52 -3.64
C PRO B 26 -9.49 -2.25 -5.13
N LEU B 27 -10.48 -2.73 -5.90
CA LEU B 27 -10.47 -2.60 -7.35
C LEU B 27 -11.50 -1.59 -7.85
N THR B 28 -11.23 -1.05 -9.04
CA THR B 28 -12.19 -0.23 -9.75
C THR B 28 -13.36 -1.07 -10.24
N GLU B 29 -14.48 -0.38 -10.49
CA GLU B 29 -15.70 -1.06 -10.93
C GLU B 29 -15.50 -1.76 -12.27
N GLU B 30 -14.76 -1.14 -13.18
CA GLU B 30 -14.54 -1.72 -14.49
C GLU B 30 -13.75 -3.02 -14.41
N LYS B 31 -12.89 -3.15 -13.40
CA LYS B 31 -12.13 -4.39 -13.28
C LYS B 31 -12.85 -5.43 -12.43
N ILE B 32 -13.69 -5.01 -11.48
CA ILE B 32 -14.52 -5.98 -10.78
C ILE B 32 -15.49 -6.64 -11.75
N LYS B 33 -16.08 -5.85 -12.66
CA LYS B 33 -16.98 -6.44 -13.64
C LYS B 33 -16.24 -7.40 -14.56
N ALA B 34 -15.05 -7.00 -15.04
CA ALA B 34 -14.29 -7.89 -15.91
C ALA B 34 -13.93 -9.20 -15.21
N LEU B 35 -13.62 -9.13 -13.90
CA LEU B 35 -13.26 -10.34 -13.18
C LEU B 35 -14.46 -11.26 -12.99
N VAL B 36 -15.63 -10.67 -12.76
CA VAL B 36 -16.84 -11.47 -12.57
C VAL B 36 -17.16 -12.26 -13.83
N GLU B 37 -17.04 -11.60 -14.99
CA GLU B 37 -17.25 -12.27 -16.27
C GLU B 37 -16.24 -13.40 -16.47
N ILE B 38 -14.95 -13.10 -16.27
CA ILE B 38 -13.91 -14.10 -16.49
C ILE B 38 -14.10 -15.30 -15.57
N CYS B 39 -14.49 -15.07 -14.32
CA CYS B 39 -14.53 -16.14 -13.34
C CYS B 39 -15.74 -17.05 -13.51
N THR B 40 -16.89 -16.50 -13.93
CA THR B 40 -18.02 -17.37 -14.20
C THR B 40 -17.72 -18.30 -15.38
N GLU B 41 -16.95 -17.82 -16.36
CA GLU B 41 -16.54 -18.70 -17.46
C GLU B 41 -15.51 -19.74 -17.00
N MET B 42 -14.56 -19.34 -16.14
CA MET B 42 -13.63 -20.34 -15.62
C MET B 42 -14.35 -21.35 -14.75
N GLU B 43 -15.38 -20.93 -14.02
CA GLU B 43 -16.10 -21.87 -13.16
C GLU B 43 -16.93 -22.84 -14.00
N LYS B 44 -17.59 -22.30 -15.04
CA LYS B 44 -18.39 -23.07 -15.98
C LYS B 44 -17.58 -24.14 -16.71
N GLU B 45 -16.27 -23.97 -16.77
CA GLU B 45 -15.39 -24.97 -17.37
C GLU B 45 -14.66 -25.81 -16.33
N GLY B 46 -15.02 -25.69 -15.06
CA GLY B 46 -14.46 -26.53 -14.02
C GLY B 46 -13.11 -26.10 -13.47
N LYS B 47 -12.57 -24.97 -13.92
CA LYS B 47 -11.21 -24.59 -13.53
C LYS B 47 -11.14 -24.07 -12.10
N ILE B 48 -12.16 -23.32 -11.68
CA ILE B 48 -12.28 -22.86 -10.31
C ILE B 48 -13.64 -23.28 -9.77
N SER B 49 -13.79 -23.21 -8.46
CA SER B 49 -15.02 -23.55 -7.77
C SER B 49 -15.29 -22.52 -6.69
N LYS B 50 -16.56 -22.15 -6.50
CA LYS B 50 -16.94 -21.30 -5.37
C LYS B 50 -16.67 -22.05 -4.07
N ILE B 51 -16.25 -21.31 -3.04
CA ILE B 51 -15.90 -21.90 -1.74
C ILE B 51 -16.69 -21.22 -0.63
N GLY B 52 -16.86 -21.93 0.47
CA GLY B 52 -17.58 -21.40 1.59
C GLY B 52 -16.70 -20.55 2.50
N PRO B 53 -17.31 -20.06 3.57
CA PRO B 53 -16.56 -19.21 4.52
C PRO B 53 -15.56 -19.98 5.37
N GLU B 54 -15.68 -21.31 5.45
CA GLU B 54 -14.78 -22.12 6.26
C GLU B 54 -13.34 -22.18 5.72
N ASN B 55 -13.12 -21.72 4.49
CA ASN B 55 -11.79 -21.53 3.92
C ASN B 55 -11.22 -20.19 4.37
N PRO B 56 -10.19 -20.17 5.21
CA PRO B 56 -9.68 -18.90 5.77
C PRO B 56 -8.64 -18.18 4.92
N TYR B 57 -8.19 -18.76 3.80
CA TYR B 57 -7.06 -18.24 3.05
C TYR B 57 -7.52 -17.28 1.96
N ASN B 58 -6.59 -16.48 1.48
CA ASN B 58 -6.89 -15.57 0.39
C ASN B 58 -5.61 -15.08 -0.25
N THR B 59 -5.71 -14.76 -1.54
CA THR B 59 -4.59 -14.36 -2.37
C THR B 59 -5.17 -13.26 -3.26
N PRO B 60 -4.47 -12.14 -3.45
CA PRO B 60 -5.08 -11.02 -4.17
C PRO B 60 -5.32 -11.35 -5.63
N VAL B 61 -6.25 -10.62 -6.26
CA VAL B 61 -6.55 -10.82 -7.67
C VAL B 61 -6.69 -9.44 -8.31
N PHE B 62 -6.22 -9.33 -9.57
CA PHE B 62 -6.28 -8.08 -10.32
C PHE B 62 -6.70 -8.39 -11.74
N ALA B 63 -6.98 -7.33 -12.49
CA ALA B 63 -7.28 -7.39 -13.92
C ALA B 63 -6.29 -6.50 -14.66
N ILE B 64 -5.68 -7.05 -15.70
CA ILE B 64 -4.73 -6.31 -16.52
C ILE B 64 -5.15 -6.45 -17.98
N LYS B 65 -4.84 -5.42 -18.78
CA LYS B 65 -4.94 -5.54 -20.23
C LYS B 65 -3.70 -6.27 -20.73
N LYS B 66 -3.88 -7.44 -21.35
CA LYS B 66 -2.74 -8.26 -21.74
C LYS B 66 -2.95 -8.84 -23.13
N LYS B 67 -1.80 -9.23 -23.73
CA LYS B 67 -1.70 -9.75 -25.10
C LYS B 67 -1.94 -8.65 -26.15
N ASP B 68 -1.49 -7.43 -25.84
CA ASP B 68 -1.54 -6.27 -26.74
C ASP B 68 -2.97 -5.88 -27.12
N GLY B 69 -3.95 -6.68 -26.73
CA GLY B 69 -5.36 -6.40 -26.98
C GLY B 69 -6.02 -6.04 -25.66
N THR B 70 -6.96 -5.09 -25.72
CA THR B 70 -7.56 -4.57 -24.49
C THR B 70 -8.73 -5.40 -24.00
N LYS B 71 -8.77 -6.67 -24.40
CA LYS B 71 -9.61 -7.65 -23.73
C LYS B 71 -8.95 -7.98 -22.38
N TRP B 72 -9.70 -7.79 -21.30
CA TRP B 72 -9.17 -7.96 -19.96
C TRP B 72 -8.63 -9.37 -19.74
N ARG B 73 -7.55 -9.44 -18.96
CA ARG B 73 -6.99 -10.69 -18.46
C ARG B 73 -7.02 -10.63 -16.95
N LYS B 74 -7.05 -11.78 -16.30
CA LYS B 74 -7.03 -11.84 -14.86
C LYS B 74 -5.64 -12.25 -14.39
N LEU B 75 -5.13 -11.54 -13.39
CA LEU B 75 -3.82 -11.80 -12.81
C LEU B 75 -4.03 -12.07 -11.32
N VAL B 76 -3.67 -13.28 -10.89
CA VAL B 76 -3.67 -13.64 -9.48
C VAL B 76 -2.25 -13.48 -8.96
N ASP B 77 -2.10 -12.82 -7.80
CA ASP B 77 -0.81 -12.44 -7.26
C ASP B 77 -0.37 -13.52 -6.28
N PHE B 78 0.29 -14.54 -6.81
CA PHE B 78 0.66 -15.70 -6.01
C PHE B 78 2.02 -15.54 -5.30
N ARG B 79 2.47 -14.31 -5.08
CA ARG B 79 3.78 -14.10 -4.46
C ARG B 79 3.90 -14.81 -3.11
N GLU B 80 2.92 -14.63 -2.23
CA GLU B 80 3.05 -15.23 -0.90
C GLU B 80 3.00 -16.75 -0.99
N LEU B 81 2.07 -17.29 -1.78
CA LEU B 81 2.00 -18.74 -1.95
C LEU B 81 3.31 -19.29 -2.52
N ASN B 82 3.88 -18.60 -3.51
CA ASN B 82 5.14 -19.06 -4.11
C ASN B 82 6.26 -19.12 -3.07
N LYS B 83 6.30 -18.16 -2.15
CA LYS B 83 7.28 -18.23 -1.07
C LYS B 83 6.99 -19.40 -0.14
N LYS B 84 5.72 -19.68 0.11
CA LYS B 84 5.34 -20.74 1.05
C LYS B 84 5.48 -22.14 0.47
N THR B 85 5.74 -22.27 -0.83
CA THR B 85 5.91 -23.55 -1.49
C THR B 85 7.26 -23.64 -2.21
N GLN B 86 8.26 -22.87 -1.75
CA GLN B 86 9.46 -22.67 -2.56
C GLN B 86 10.33 -23.91 -2.64
N ASP B 87 10.44 -24.67 -1.55
CA ASP B 87 11.19 -25.92 -1.62
C ASP B 87 10.54 -26.90 -2.60
N PHE B 88 9.20 -26.86 -2.71
CA PHE B 88 8.53 -27.71 -3.69
C PHE B 88 8.96 -27.36 -5.12
N TRP B 89 8.91 -26.08 -5.50
CA TRP B 89 9.08 -25.72 -6.91
C TRP B 89 10.52 -25.38 -7.29
N GLU B 90 11.46 -25.37 -6.35
CA GLU B 90 12.87 -25.16 -6.69
C GLU B 90 13.74 -26.35 -6.33
N VAL B 91 13.67 -26.83 -5.09
CA VAL B 91 14.51 -27.95 -4.65
C VAL B 91 14.06 -29.26 -5.29
N GLN B 92 12.74 -29.51 -5.31
CA GLN B 92 12.22 -30.82 -5.70
C GLN B 92 11.95 -30.91 -7.20
N LEU B 93 11.28 -29.92 -7.78
CA LEU B 93 10.98 -30.00 -9.20
C LEU B 93 11.50 -28.78 -9.94
N GLY B 94 12.75 -28.41 -9.66
CA GLY B 94 13.29 -27.16 -10.20
C GLY B 94 13.57 -27.27 -11.69
N ILE B 95 13.03 -26.33 -12.45
CA ILE B 95 13.44 -26.14 -13.85
C ILE B 95 14.91 -25.73 -13.87
N PRO B 96 15.75 -26.32 -14.70
CA PRO B 96 17.11 -25.79 -14.86
C PRO B 96 17.14 -24.63 -15.84
N HIS B 97 18.12 -23.67 -15.61
CA HIS B 97 18.29 -22.48 -16.45
C HIS B 97 19.49 -22.63 -17.38
N PRO B 98 19.32 -22.46 -18.68
CA PRO B 98 20.41 -22.65 -19.64
C PRO B 98 21.30 -21.42 -19.75
N ALA B 99 22.56 -21.55 -19.32
CA ALA B 99 23.52 -20.46 -19.44
C ALA B 99 23.70 -20.00 -20.89
N GLY B 100 23.39 -20.84 -21.86
CA GLY B 100 23.55 -20.44 -23.23
C GLY B 100 22.48 -19.49 -23.73
N LEU B 101 21.35 -19.41 -23.02
CA LEU B 101 20.24 -18.61 -23.53
C LEU B 101 20.61 -17.14 -23.61
N LYS B 102 21.42 -16.66 -22.66
CA LYS B 102 21.81 -15.26 -22.63
C LYS B 102 22.69 -14.86 -23.81
N LYS B 103 23.19 -15.81 -24.60
CA LYS B 103 24.13 -15.53 -25.67
C LYS B 103 23.53 -15.57 -27.07
N LYS B 104 22.33 -16.12 -27.24
CA LYS B 104 21.70 -16.12 -28.55
C LYS B 104 21.47 -14.69 -29.02
N LYS B 105 21.49 -14.49 -30.35
CA LYS B 105 21.42 -13.12 -30.86
C LYS B 105 20.01 -12.56 -30.77
N SER B 106 19.00 -13.43 -30.78
CA SER B 106 17.61 -13.00 -30.68
C SER B 106 16.84 -14.01 -29.83
N VAL B 107 15.96 -13.50 -28.97
CA VAL B 107 15.15 -14.34 -28.08
C VAL B 107 13.74 -13.78 -28.04
N THR B 108 12.75 -14.57 -28.43
CA THR B 108 11.36 -14.14 -28.30
C THR B 108 10.66 -14.89 -27.18
N VAL B 109 9.56 -14.32 -26.71
CA VAL B 109 8.84 -14.80 -25.54
C VAL B 109 7.41 -15.13 -25.93
N LEU B 110 6.95 -16.32 -25.55
CA LEU B 110 5.62 -16.79 -25.89
C LEU B 110 4.85 -17.22 -24.65
N ASP B 111 3.54 -16.98 -24.67
CA ASP B 111 2.69 -17.31 -23.52
C ASP B 111 2.25 -18.77 -23.58
N VAL B 112 2.69 -19.55 -22.60
CA VAL B 112 2.32 -20.96 -22.48
C VAL B 112 1.30 -21.14 -21.36
N GLY B 113 0.51 -20.09 -21.11
CA GLY B 113 -0.29 -20.06 -19.90
C GLY B 113 -1.43 -21.06 -19.92
N ASP B 114 -2.08 -21.21 -21.09
CA ASP B 114 -3.26 -22.07 -21.17
C ASP B 114 -2.94 -23.55 -20.93
N ALA B 115 -1.67 -23.96 -21.09
CA ALA B 115 -1.33 -25.37 -20.93
C ALA B 115 -1.61 -25.88 -19.52
N TYR B 116 -1.61 -25.01 -18.53
CA TYR B 116 -1.84 -25.50 -17.18
C TYR B 116 -3.29 -25.87 -16.96
N PHE B 117 -4.20 -25.28 -17.75
CA PHE B 117 -5.65 -25.45 -17.53
C PHE B 117 -6.09 -26.90 -17.60
N SER B 118 -5.38 -27.74 -18.38
CA SER B 118 -5.79 -29.14 -18.50
C SER B 118 -5.41 -29.98 -17.29
N VAL B 119 -4.38 -29.62 -16.57
CA VAL B 119 -3.80 -30.50 -15.55
C VAL B 119 -4.52 -30.27 -14.21
N PRO B 120 -5.01 -31.31 -13.52
CA PRO B 120 -5.64 -31.06 -12.21
C PRO B 120 -4.63 -30.76 -11.14
N LEU B 121 -5.14 -30.27 -10.02
CA LEU B 121 -4.36 -29.80 -8.87
C LEU B 121 -4.77 -30.61 -7.65
N ASP B 122 -3.77 -31.06 -6.89
CA ASP B 122 -3.98 -31.89 -5.71
C ASP B 122 -5.08 -31.34 -4.81
N GLU B 123 -6.02 -32.21 -4.46
CA GLU B 123 -7.13 -31.91 -3.55
C GLU B 123 -6.71 -31.10 -2.33
N ASP B 124 -5.77 -31.64 -1.56
CA ASP B 124 -5.42 -31.04 -0.28
C ASP B 124 -4.72 -29.71 -0.42
N PHE B 125 -4.32 -29.33 -1.64
CA PHE B 125 -3.69 -28.04 -1.88
C PHE B 125 -4.64 -26.96 -2.39
N ARG B 126 -5.88 -27.28 -2.75
CA ARG B 126 -6.69 -26.27 -3.45
C ARG B 126 -7.09 -25.14 -2.53
N LYS B 127 -7.26 -25.40 -1.24
CA LYS B 127 -7.70 -24.34 -0.33
C LYS B 127 -6.71 -23.17 -0.29
N TYR B 128 -5.42 -23.44 -0.47
CA TYR B 128 -4.41 -22.38 -0.47
C TYR B 128 -4.45 -21.52 -1.72
N THR B 129 -5.26 -21.86 -2.73
CA THR B 129 -5.37 -21.01 -3.91
C THR B 129 -6.59 -20.09 -3.87
N ALA B 130 -7.26 -19.99 -2.72
CA ALA B 130 -8.44 -19.13 -2.56
C ALA B 130 -8.17 -17.68 -2.96
N PHE B 131 -9.12 -17.09 -3.68
CA PHE B 131 -9.13 -15.65 -3.93
C PHE B 131 -10.55 -15.10 -3.88
N THR B 132 -10.67 -13.77 -3.97
CA THR B 132 -11.90 -13.07 -3.61
C THR B 132 -12.09 -11.95 -4.60
N ILE B 133 -13.14 -12.02 -5.42
CA ILE B 133 -13.52 -10.83 -6.18
C ILE B 133 -14.20 -9.86 -5.21
N PRO B 134 -13.67 -8.68 -4.97
CA PRO B 134 -14.28 -7.76 -4.00
C PRO B 134 -15.45 -7.04 -4.65
N SER B 135 -16.12 -6.22 -3.86
CA SER B 135 -17.26 -5.46 -4.37
C SER B 135 -17.13 -4.02 -3.96
N ILE B 136 -17.63 -3.14 -4.83
CA ILE B 136 -17.62 -1.71 -4.55
C ILE B 136 -18.33 -1.41 -3.23
N ASN B 137 -17.70 -0.55 -2.43
CA ASN B 137 -18.31 -0.03 -1.21
C ASN B 137 -18.77 -1.14 -0.28
N ASN B 138 -18.12 -2.30 -0.35
CA ASN B 138 -18.40 -3.44 0.54
C ASN B 138 -19.88 -3.79 0.56
N GLU B 139 -20.57 -3.58 -0.55
CA GLU B 139 -22.02 -3.68 -0.57
C GLU B 139 -22.50 -5.12 -0.71
N THR B 140 -21.63 -6.00 -1.18
CA THR B 140 -21.94 -7.42 -1.25
C THR B 140 -20.72 -8.19 -0.75
N PRO B 141 -20.93 -9.40 -0.21
CA PRO B 141 -19.93 -10.01 0.68
C PRO B 141 -18.57 -10.35 0.03
N GLY B 142 -18.50 -10.55 -1.28
CA GLY B 142 -17.22 -10.92 -1.87
C GLY B 142 -17.29 -12.32 -2.43
N ILE B 143 -17.01 -12.47 -3.72
CA ILE B 143 -17.16 -13.75 -4.41
C ILE B 143 -15.84 -14.56 -4.31
N ARG B 144 -15.91 -15.71 -3.66
CA ARG B 144 -14.73 -16.50 -3.32
C ARG B 144 -14.61 -17.73 -4.22
N TYR B 145 -13.44 -17.97 -4.78
CA TYR B 145 -13.18 -19.17 -5.54
C TYR B 145 -11.90 -19.84 -5.08
N GLN B 146 -11.64 -21.02 -5.64
CA GLN B 146 -10.35 -21.65 -5.52
C GLN B 146 -10.11 -22.46 -6.80
N TYR B 147 -8.84 -22.72 -7.08
CA TYR B 147 -8.46 -23.39 -8.30
C TYR B 147 -8.68 -24.89 -8.19
N ASN B 148 -9.15 -25.49 -9.29
CA ASN B 148 -9.18 -26.93 -9.42
C ASN B 148 -8.07 -27.45 -10.34
N VAL B 149 -7.56 -26.60 -11.23
CA VAL B 149 -6.47 -26.92 -12.14
C VAL B 149 -5.27 -26.07 -11.77
N LEU B 150 -4.10 -26.48 -12.24
CA LEU B 150 -2.86 -25.76 -12.00
C LEU B 150 -3.03 -24.29 -12.34
N PRO B 151 -2.76 -23.38 -11.40
CA PRO B 151 -3.02 -21.95 -11.65
C PRO B 151 -1.84 -21.30 -12.34
N GLN B 152 -2.14 -20.48 -13.34
CA GLN B 152 -1.14 -19.56 -13.85
C GLN B 152 -0.71 -18.61 -12.74
N GLY B 153 0.58 -18.30 -12.69
CA GLY B 153 1.12 -17.44 -11.68
C GLY B 153 1.67 -18.15 -10.47
N TRP B 154 1.24 -19.38 -10.21
CA TRP B 154 1.88 -20.20 -9.20
C TRP B 154 3.13 -20.85 -9.78
N LYS B 155 4.22 -20.81 -9.02
CA LYS B 155 5.49 -21.30 -9.56
C LYS B 155 5.50 -22.83 -9.62
N GLY B 156 4.77 -23.49 -8.74
CA GLY B 156 4.61 -24.93 -8.83
C GLY B 156 3.91 -25.42 -10.09
N SER B 157 3.28 -24.53 -10.87
CA SER B 157 2.60 -24.99 -12.08
C SER B 157 3.60 -25.51 -13.11
N PRO B 158 4.57 -24.71 -13.61
CA PRO B 158 5.54 -25.27 -14.57
C PRO B 158 6.37 -26.37 -13.98
N ALA B 159 6.61 -26.36 -12.66
CA ALA B 159 7.32 -27.44 -12.02
C ALA B 159 6.61 -28.78 -12.21
N ILE B 160 5.29 -28.78 -12.13
CA ILE B 160 4.50 -30.01 -12.24
C ILE B 160 4.36 -30.42 -13.70
N PHE B 161 4.02 -29.45 -14.56
CA PHE B 161 3.89 -29.60 -15.99
C PHE B 161 5.23 -29.72 -16.69
N GLN B 162 6.34 -29.60 -15.97
CA GLN B 162 7.64 -29.65 -16.62
C GLN B 162 7.96 -30.98 -17.31
N SER B 163 7.58 -32.11 -16.70
CA SER B 163 7.80 -33.40 -17.37
C SER B 163 6.95 -33.54 -18.63
N SER B 164 5.71 -33.06 -18.59
CA SER B 164 4.91 -33.04 -19.82
C SER B 164 5.46 -32.05 -20.83
N MET B 165 6.13 -30.98 -20.36
CA MET B 165 6.56 -29.94 -21.27
C MET B 165 7.75 -30.38 -22.11
N THR B 166 8.64 -31.20 -21.54
CA THR B 166 9.79 -31.68 -22.30
C THR B 166 9.36 -32.59 -23.45
N LYS B 167 8.26 -33.34 -23.28
CA LYS B 167 7.79 -34.23 -24.34
C LYS B 167 7.13 -33.47 -25.50
N ILE B 168 6.56 -32.31 -25.23
CA ILE B 168 6.03 -31.50 -26.33
C ILE B 168 7.17 -30.92 -27.16
N LEU B 169 8.28 -30.55 -26.51
CA LEU B 169 9.36 -29.85 -27.19
C LEU B 169 10.52 -30.76 -27.58
N GLU B 170 10.59 -31.97 -27.04
CA GLU B 170 11.65 -32.92 -27.40
C GLU B 170 11.74 -33.20 -28.90
N PRO B 171 10.64 -33.43 -29.64
CA PRO B 171 10.75 -33.57 -31.10
C PRO B 171 11.29 -32.34 -31.79
N PHE B 172 10.98 -31.15 -31.25
CA PHE B 172 11.49 -29.91 -31.80
C PHE B 172 13.00 -29.79 -31.61
N ARG B 173 13.50 -30.29 -30.48
CA ARG B 173 14.91 -30.13 -30.14
C ARG B 173 15.81 -30.97 -31.05
N LYS B 174 15.33 -32.14 -31.50
CA LYS B 174 16.09 -32.93 -32.45
C LYS B 174 16.20 -32.20 -33.79
N GLN B 175 15.10 -31.58 -34.24
CA GLN B 175 15.10 -30.82 -35.48
C GLN B 175 16.12 -29.68 -35.44
N ASN B 176 15.94 -28.72 -34.53
CA ASN B 176 16.84 -27.56 -34.41
C ASN B 176 17.70 -27.73 -33.16
N PRO B 177 18.85 -28.40 -33.26
CA PRO B 177 19.64 -28.69 -32.07
C PRO B 177 20.46 -27.51 -31.56
N ASP B 178 20.52 -26.42 -32.32
CA ASP B 178 21.17 -25.19 -31.88
C ASP B 178 20.16 -24.11 -31.53
N ILE B 179 18.96 -24.54 -31.12
CA ILE B 179 17.97 -23.68 -30.52
C ILE B 179 17.83 -24.08 -29.06
N VAL B 180 17.75 -23.08 -28.19
CA VAL B 180 17.63 -23.30 -26.74
C VAL B 180 16.26 -22.80 -26.29
N ILE B 181 15.58 -23.60 -25.49
CA ILE B 181 14.27 -23.27 -24.95
C ILE B 181 14.40 -23.21 -23.44
N TYR B 182 13.87 -22.15 -22.84
CA TYR B 182 13.79 -22.00 -21.40
C TYR B 182 12.35 -21.64 -21.03
N GLN B 183 11.87 -22.26 -19.97
CA GLN B 183 10.54 -22.00 -19.43
C GLN B 183 10.69 -21.29 -18.09
N TYR B 184 10.10 -20.10 -17.99
CA TYR B 184 10.01 -19.43 -16.69
C TYR B 184 8.56 -19.08 -16.45
N MET B 185 7.95 -19.75 -15.47
CA MET B 185 6.52 -19.62 -15.19
C MET B 185 5.70 -19.85 -16.45
N ASP B 186 4.94 -18.85 -16.91
CA ASP B 186 4.02 -19.09 -18.03
C ASP B 186 4.62 -18.69 -19.37
N ASP B 187 5.95 -18.69 -19.49
CA ASP B 187 6.61 -18.09 -20.63
C ASP B 187 7.65 -19.05 -21.21
N LEU B 188 7.78 -19.01 -22.52
CA LEU B 188 8.80 -19.76 -23.25
C LEU B 188 9.74 -18.74 -23.89
N TYR B 189 11.03 -18.87 -23.59
CA TYR B 189 12.09 -18.02 -24.13
C TYR B 189 12.89 -18.87 -25.12
N VAL B 190 12.83 -18.49 -26.40
CA VAL B 190 13.45 -19.28 -27.47
C VAL B 190 14.69 -18.54 -27.96
N GLY B 191 15.83 -19.23 -27.93
CA GLY B 191 17.11 -18.65 -28.25
C GLY B 191 17.62 -19.14 -29.60
N SER B 192 17.99 -18.18 -30.44
CA SER B 192 18.44 -18.47 -31.80
C SER B 192 19.50 -17.45 -32.21
N ASP B 193 20.48 -17.93 -32.97
CA ASP B 193 21.48 -17.07 -33.60
C ASP B 193 21.15 -16.78 -35.06
N LEU B 194 19.97 -17.18 -35.52
CA LEU B 194 19.61 -17.09 -36.93
C LEU B 194 19.12 -15.67 -37.27
N GLU B 195 19.23 -15.33 -38.55
CA GLU B 195 18.86 -14.00 -39.03
C GLU B 195 17.41 -13.69 -38.64
N ILE B 196 17.13 -12.39 -38.47
CA ILE B 196 15.84 -11.97 -37.91
C ILE B 196 14.70 -12.36 -38.83
N GLY B 197 14.96 -12.47 -40.13
CA GLY B 197 13.90 -12.82 -41.07
C GLY B 197 13.46 -14.27 -40.93
N GLN B 198 14.43 -15.19 -40.89
CA GLN B 198 14.13 -16.60 -40.67
C GLN B 198 14.12 -16.98 -39.20
N HIS B 199 14.24 -16.00 -38.30
CA HIS B 199 13.93 -16.25 -36.90
C HIS B 199 12.42 -16.36 -36.70
N ARG B 200 11.65 -15.43 -37.28
CA ARG B 200 10.20 -15.44 -37.09
C ARG B 200 9.56 -16.68 -37.69
N THR B 201 10.05 -17.12 -38.86
CA THR B 201 9.55 -18.37 -39.43
C THR B 201 9.88 -19.56 -38.52
N LYS B 202 11.09 -19.56 -37.93
CA LYS B 202 11.47 -20.64 -37.02
C LYS B 202 10.69 -20.59 -35.71
N ILE B 203 10.32 -19.40 -35.23
CA ILE B 203 9.56 -19.32 -33.98
C ILE B 203 8.08 -19.54 -34.25
N GLU B 204 7.57 -19.24 -35.44
CA GLU B 204 6.20 -19.64 -35.71
C GLU B 204 6.04 -21.16 -35.71
N GLU B 205 6.83 -21.86 -36.53
CA GLU B 205 6.70 -23.31 -36.64
C GLU B 205 6.71 -24.01 -35.29
N LEU B 206 7.47 -23.49 -34.32
CA LEU B 206 7.37 -24.01 -32.96
C LEU B 206 5.99 -23.70 -32.37
N ARG B 207 5.51 -22.46 -32.55
CA ARG B 207 4.23 -22.07 -32.01
C ARG B 207 3.12 -22.93 -32.58
N GLN B 208 3.16 -23.15 -33.90
CA GLN B 208 2.17 -24.03 -34.53
C GLN B 208 2.27 -25.44 -33.98
N HIS B 209 3.51 -25.92 -33.77
CA HIS B 209 3.75 -27.28 -33.34
C HIS B 209 3.05 -27.59 -32.02
N LEU B 210 3.20 -26.71 -31.02
CA LEU B 210 2.63 -26.95 -29.70
C LEU B 210 1.14 -26.67 -29.62
N LEU B 211 0.60 -25.81 -30.50
CA LEU B 211 -0.84 -25.57 -30.50
C LEU B 211 -1.61 -26.85 -30.84
N ARG B 212 -0.99 -27.74 -31.62
CA ARG B 212 -1.60 -29.03 -31.94
C ARG B 212 -1.78 -29.91 -30.72
N TRP B 213 -1.18 -29.57 -29.59
CA TRP B 213 -1.43 -30.27 -28.32
C TRP B 213 -2.60 -29.62 -27.57
N GLU B 234 10.71 -9.52 -29.20
CA GLU B 234 11.99 -9.89 -29.78
C GLU B 234 13.14 -9.28 -28.98
N LEU B 235 13.70 -10.07 -28.06
CA LEU B 235 14.84 -9.63 -27.27
C LEU B 235 16.14 -9.82 -28.03
N HIS B 236 17.11 -8.95 -27.74
CA HIS B 236 18.48 -9.09 -28.25
C HIS B 236 19.41 -9.01 -27.05
N PRO B 237 19.74 -10.16 -26.45
CA PRO B 237 20.49 -10.13 -25.19
C PRO B 237 21.93 -9.65 -25.36
N ASP B 238 22.63 -10.04 -26.42
CA ASP B 238 23.98 -9.53 -26.61
C ASP B 238 24.00 -8.08 -27.07
N LYS B 239 22.83 -7.51 -27.40
CA LYS B 239 22.74 -6.06 -27.53
C LYS B 239 22.81 -5.38 -26.15
N TRP B 240 22.21 -6.00 -25.12
CA TRP B 240 22.38 -5.49 -23.76
C TRP B 240 23.86 -5.43 -23.41
N THR B 241 24.27 -4.35 -22.76
CA THR B 241 25.69 -4.17 -22.49
C THR B 241 25.87 -3.04 -21.49
N VAL B 242 26.79 -3.23 -20.54
CA VAL B 242 27.00 -2.24 -19.49
C VAL B 242 27.86 -1.10 -20.03
N GLN B 243 27.31 0.11 -20.00
CA GLN B 243 28.06 1.31 -20.35
C GLN B 243 28.99 1.73 -19.20
N PRO B 244 30.08 2.43 -19.53
CA PRO B 244 30.97 2.97 -18.49
C PRO B 244 30.63 4.39 -18.09
N ILE B 245 30.97 4.71 -16.85
CA ILE B 245 30.91 6.07 -16.33
C ILE B 245 31.90 6.94 -17.09
N VAL B 246 31.49 8.17 -17.41
CA VAL B 246 32.38 9.16 -18.01
C VAL B 246 32.30 10.44 -17.18
N LEU B 247 33.48 11.00 -16.85
CA LEU B 247 33.56 12.18 -15.99
C LEU B 247 33.56 13.44 -16.83
N PRO B 248 33.25 14.60 -16.22
CA PRO B 248 33.34 15.87 -16.96
C PRO B 248 34.71 16.04 -17.62
N GLU B 249 34.69 16.63 -18.82
CA GLU B 249 35.88 17.08 -19.52
C GLU B 249 35.82 18.59 -19.59
N LYS B 250 36.83 19.25 -19.05
CA LYS B 250 36.77 20.71 -18.96
C LYS B 250 38.11 21.30 -19.36
N ASP B 251 38.05 22.44 -20.05
CA ASP B 251 39.26 23.22 -20.26
C ASP B 251 39.64 23.94 -18.97
N SER B 252 38.67 24.58 -18.30
CA SER B 252 38.85 25.23 -17.02
C SER B 252 38.04 24.51 -15.96
N TRP B 253 38.65 24.33 -14.78
CA TRP B 253 37.97 23.80 -13.61
C TRP B 253 37.82 24.89 -12.55
N THR B 254 36.68 24.91 -11.89
CA THR B 254 36.45 25.84 -10.79
C THR B 254 36.46 25.09 -9.46
N VAL B 255 36.48 25.86 -8.37
CA VAL B 255 36.40 25.23 -7.05
C VAL B 255 35.17 24.35 -6.99
N ASN B 256 34.05 24.87 -7.49
CA ASN B 256 32.79 24.16 -7.46
C ASN B 256 32.85 22.88 -8.29
N ASP B 257 33.41 22.95 -9.50
CA ASP B 257 33.53 21.72 -10.31
C ASP B 257 34.34 20.66 -9.57
N ILE B 258 35.45 21.05 -8.92
CA ILE B 258 36.26 20.07 -8.19
C ILE B 258 35.44 19.50 -7.01
N GLN B 259 34.78 20.37 -6.24
CA GLN B 259 34.01 19.89 -5.10
C GLN B 259 32.90 18.90 -5.52
N LYS B 260 32.20 19.20 -6.61
CA LYS B 260 31.16 18.27 -7.08
C LYS B 260 31.78 16.95 -7.50
N LEU B 261 32.91 17.00 -8.19
CA LEU B 261 33.53 15.77 -8.66
C LEU B 261 34.10 14.96 -7.52
N VAL B 262 34.68 15.62 -6.51
CA VAL B 262 35.28 14.91 -5.38
C VAL B 262 34.21 14.17 -4.61
N GLY B 263 33.09 14.84 -4.31
CA GLY B 263 31.99 14.20 -3.58
C GLY B 263 31.45 12.97 -4.29
N LYS B 264 31.38 13.00 -5.62
CA LYS B 264 30.92 11.84 -6.37
C LYS B 264 31.96 10.73 -6.36
N LEU B 265 33.20 11.04 -6.77
CA LEU B 265 34.24 10.02 -6.78
C LEU B 265 34.48 9.44 -5.38
N ASN B 266 34.44 10.27 -4.35
CA ASN B 266 34.59 9.74 -3.00
C ASN B 266 33.49 8.73 -2.67
N TRP B 267 32.25 9.02 -3.07
CA TRP B 267 31.15 8.06 -2.88
C TRP B 267 31.35 6.82 -3.73
N ALA B 268 31.73 7.00 -5.00
CA ALA B 268 31.89 5.89 -5.93
C ALA B 268 33.03 4.96 -5.55
N SER B 269 33.91 5.36 -4.63
CA SER B 269 34.98 4.46 -4.22
C SER B 269 34.45 3.20 -3.54
N GLN B 270 33.20 3.23 -3.04
CA GLN B 270 32.54 2.02 -2.56
C GLN B 270 32.28 1.02 -3.69
N ILE B 271 32.31 1.46 -4.93
CA ILE B 271 32.13 0.59 -6.08
C ILE B 271 33.46 0.19 -6.70
N TYR B 272 34.32 1.18 -6.95
CA TYR B 272 35.66 1.03 -7.49
C TYR B 272 36.67 1.42 -6.41
N PRO B 273 37.20 0.48 -5.64
CA PRO B 273 38.13 0.86 -4.54
C PRO B 273 39.42 1.52 -5.01
N GLY B 274 39.79 1.41 -6.28
CA GLY B 274 40.97 2.11 -6.76
C GLY B 274 40.81 3.59 -7.03
N ILE B 275 39.63 4.14 -6.84
CA ILE B 275 39.40 5.56 -7.10
C ILE B 275 39.98 6.37 -5.95
N LYS B 276 40.60 7.50 -6.31
CA LYS B 276 41.26 8.36 -5.35
C LYS B 276 40.84 9.80 -5.59
N VAL B 277 40.66 10.55 -4.50
CA VAL B 277 40.37 11.98 -4.58
C VAL B 277 41.44 12.81 -3.89
N ARG B 278 42.53 12.18 -3.44
CA ARG B 278 43.52 12.86 -2.59
C ARG B 278 44.22 14.01 -3.34
N GLN B 279 44.59 13.80 -4.59
CA GLN B 279 45.23 14.85 -5.36
C GLN B 279 44.25 15.93 -5.83
N LEU B 280 42.96 15.61 -5.95
CA LEU B 280 41.96 16.65 -6.24
C LEU B 280 41.67 17.52 -5.01
N CYS B 281 41.57 16.89 -3.83
CA CYS B 281 41.33 17.66 -2.62
C CYS B 281 42.51 18.57 -2.30
N LYS B 282 43.74 18.16 -2.66
CA LYS B 282 44.90 19.00 -2.38
C LYS B 282 44.81 20.35 -3.08
N LEU B 283 44.19 20.38 -4.27
CA LEU B 283 44.01 21.65 -4.96
C LEU B 283 43.11 22.63 -4.23
N LEU B 284 42.28 22.17 -3.31
CA LEU B 284 41.32 23.05 -2.64
C LEU B 284 41.89 23.50 -1.30
N ARG B 285 42.92 24.34 -1.40
CA ARG B 285 43.63 24.84 -0.22
C ARG B 285 43.04 26.16 0.20
N GLY B 286 42.69 26.27 1.48
CA GLY B 286 42.14 27.49 2.00
C GLY B 286 40.73 27.78 1.47
N THR B 287 40.19 28.89 1.97
CA THR B 287 38.77 29.22 1.85
C THR B 287 38.49 29.96 0.55
N LYS B 288 38.29 29.20 -0.54
CA LYS B 288 38.15 29.78 -1.87
C LYS B 288 36.70 30.07 -2.26
N ALA B 289 36.51 31.14 -3.04
CA ALA B 289 35.25 31.39 -3.72
C ALA B 289 34.94 30.27 -4.70
N LEU B 290 33.65 29.90 -4.78
CA LEU B 290 33.28 28.70 -5.54
C LEU B 290 33.59 28.84 -7.02
N THR B 291 33.61 30.06 -7.54
CA THR B 291 33.83 30.31 -8.96
C THR B 291 35.29 30.49 -9.34
N GLU B 292 36.22 30.40 -8.39
CA GLU B 292 37.61 30.59 -8.69
C GLU B 292 38.09 29.47 -9.59
N VAL B 293 38.94 29.80 -10.57
CA VAL B 293 39.50 28.78 -11.45
C VAL B 293 40.72 28.17 -10.80
N ILE B 294 40.89 26.87 -10.98
CA ILE B 294 41.90 26.08 -10.31
C ILE B 294 42.63 25.33 -11.42
N PRO B 295 43.91 25.62 -11.64
CA PRO B 295 44.69 24.85 -12.63
C PRO B 295 45.01 23.47 -12.09
N LEU B 296 44.68 22.44 -12.86
CA LEU B 296 45.02 21.08 -12.47
C LEU B 296 46.53 20.89 -12.60
N THR B 297 47.21 20.75 -11.45
CA THR B 297 48.60 20.36 -11.44
C THR B 297 48.80 19.00 -12.13
N GLU B 298 50.08 18.62 -12.30
CA GLU B 298 50.39 17.33 -12.90
C GLU B 298 49.92 16.15 -12.04
N GLU B 299 50.01 16.28 -10.72
CA GLU B 299 49.54 15.19 -9.87
C GLU B 299 48.03 15.05 -9.97
N ALA B 300 47.31 16.17 -10.05
CA ALA B 300 45.87 16.13 -10.25
C ALA B 300 45.53 15.50 -11.60
N GLU B 301 46.11 16.01 -12.69
CA GLU B 301 45.83 15.46 -14.02
C GLU B 301 46.05 13.95 -14.07
N LEU B 302 47.05 13.45 -13.36
CA LEU B 302 47.31 12.01 -13.37
C LEU B 302 46.24 11.25 -12.61
N GLU B 303 45.86 11.74 -11.42
CA GLU B 303 44.85 11.04 -10.62
C GLU B 303 43.52 11.00 -11.36
N LEU B 304 43.10 12.14 -11.91
CA LEU B 304 41.93 12.19 -12.77
C LEU B 304 42.05 11.22 -13.95
N ALA B 305 43.26 11.05 -14.51
CA ALA B 305 43.39 10.20 -15.70
C ALA B 305 43.36 8.72 -15.36
N GLU B 306 43.84 8.31 -14.18
CA GLU B 306 43.67 6.92 -13.76
C GLU B 306 42.23 6.67 -13.33
N ASN B 307 41.63 7.65 -12.66
CA ASN B 307 40.21 7.56 -12.31
C ASN B 307 39.37 7.25 -13.54
N ARG B 308 39.57 7.99 -14.63
CA ARG B 308 38.86 7.71 -15.87
C ARG B 308 39.08 6.27 -16.34
N GLU B 309 40.30 5.77 -16.23
CA GLU B 309 40.61 4.46 -16.78
C GLU B 309 40.00 3.35 -15.94
N ILE B 310 39.97 3.53 -14.62
CA ILE B 310 39.21 2.61 -13.75
C ILE B 310 37.75 2.52 -14.22
N LEU B 311 37.13 3.68 -14.48
CA LEU B 311 35.71 3.74 -14.82
C LEU B 311 35.44 3.25 -16.24
N LYS B 312 36.40 3.41 -17.15
CA LYS B 312 36.21 2.91 -18.52
C LYS B 312 36.48 1.42 -18.63
N GLU B 313 37.20 0.84 -17.68
CA GLU B 313 37.43 -0.58 -17.69
C GLU B 313 36.21 -1.31 -17.15
N PRO B 314 36.02 -2.57 -17.54
CA PRO B 314 35.03 -3.41 -16.87
C PRO B 314 35.25 -3.40 -15.36
N VAL B 315 34.16 -3.17 -14.62
CA VAL B 315 34.23 -3.37 -13.17
C VAL B 315 34.53 -4.85 -12.90
N HIS B 316 35.26 -5.13 -11.82
CA HIS B 316 35.82 -6.44 -11.55
C HIS B 316 35.55 -6.84 -10.11
N GLY B 317 35.68 -8.13 -9.84
CA GLY B 317 35.43 -8.65 -8.51
C GLY B 317 33.99 -8.96 -8.20
N VAL B 318 33.06 -8.74 -9.14
CA VAL B 318 31.64 -9.06 -8.94
C VAL B 318 31.36 -10.37 -9.68
N TYR B 319 30.72 -11.30 -8.97
CA TYR B 319 30.38 -12.59 -9.55
C TYR B 319 29.06 -13.04 -8.92
N TYR B 320 28.21 -13.66 -9.74
CA TYR B 320 26.87 -14.03 -9.31
C TYR B 320 26.89 -15.19 -8.33
N ASP B 321 26.22 -15.02 -7.19
CA ASP B 321 26.09 -16.04 -6.17
C ASP B 321 24.69 -16.64 -6.26
N PRO B 322 24.54 -17.94 -6.56
CA PRO B 322 23.18 -18.48 -6.78
C PRO B 322 22.36 -18.62 -5.51
N SER B 323 22.96 -18.57 -4.33
CA SER B 323 22.23 -18.67 -3.07
C SER B 323 21.71 -17.32 -2.56
N LYS B 324 21.73 -16.27 -3.38
CA LYS B 324 21.39 -14.94 -2.94
C LYS B 324 20.31 -14.34 -3.82
N ASP B 325 19.48 -13.48 -3.21
CA ASP B 325 18.47 -12.75 -3.96
C ASP B 325 19.10 -11.71 -4.86
N LEU B 326 18.57 -11.59 -6.07
CA LEU B 326 18.89 -10.43 -6.89
C LEU B 326 18.08 -9.23 -6.43
N ILE B 327 18.68 -8.05 -6.53
CA ILE B 327 18.02 -6.80 -6.16
C ILE B 327 18.15 -5.85 -7.35
N ALA B 328 17.07 -5.13 -7.64
CA ALA B 328 17.06 -4.13 -8.70
C ALA B 328 16.67 -2.81 -8.08
N GLU B 329 17.55 -1.81 -8.18
CA GLU B 329 17.26 -0.46 -7.72
C GLU B 329 17.11 0.47 -8.92
N ILE B 330 16.22 1.45 -8.79
CA ILE B 330 15.87 2.36 -9.89
C ILE B 330 15.90 3.80 -9.38
N GLN B 331 16.51 4.69 -10.14
CA GLN B 331 16.55 6.11 -9.82
C GLN B 331 15.84 6.91 -10.89
N LYS B 332 14.92 7.79 -10.47
CA LYS B 332 14.31 8.74 -11.39
C LYS B 332 15.34 9.79 -11.77
N GLN B 333 15.73 9.80 -13.04
CA GLN B 333 16.77 10.68 -13.56
C GLN B 333 16.21 12.00 -14.09
N GLY B 334 14.90 12.11 -14.30
CA GLY B 334 14.30 13.30 -14.87
C GLY B 334 14.09 13.19 -16.37
N GLN B 335 13.19 14.04 -16.88
CA GLN B 335 12.95 14.15 -18.33
C GLN B 335 12.68 12.78 -18.98
N GLY B 336 11.97 11.90 -18.25
CA GLY B 336 11.64 10.61 -18.80
C GLY B 336 12.76 9.59 -18.82
N GLN B 337 13.83 9.82 -18.05
CA GLN B 337 15.00 8.95 -18.01
C GLN B 337 15.10 8.24 -16.67
N TRP B 338 15.43 6.96 -16.70
CA TRP B 338 15.59 6.20 -15.47
C TRP B 338 16.89 5.41 -15.52
N THR B 339 17.60 5.35 -14.40
CA THR B 339 18.77 4.49 -14.27
C THR B 339 18.44 3.31 -13.37
N TYR B 340 19.10 2.18 -13.59
CA TYR B 340 18.85 1.02 -12.75
C TYR B 340 20.12 0.21 -12.52
N GLN B 341 20.14 -0.53 -11.42
CA GLN B 341 21.24 -1.45 -11.11
C GLN B 341 20.68 -2.77 -10.61
N ILE B 342 21.27 -3.87 -11.07
CA ILE B 342 20.98 -5.21 -10.56
C ILE B 342 22.20 -5.70 -9.79
N TYR B 343 21.98 -6.14 -8.55
CA TYR B 343 23.08 -6.51 -7.67
C TYR B 343 22.53 -7.49 -6.62
N GLN B 344 23.47 -8.08 -5.88
CA GLN B 344 23.16 -8.90 -4.71
C GLN B 344 23.71 -8.32 -3.43
N GLU B 345 24.92 -7.81 -3.44
CA GLU B 345 25.46 -7.05 -2.33
C GLU B 345 25.60 -5.60 -2.76
N PRO B 346 25.26 -4.66 -1.89
CA PRO B 346 25.27 -3.25 -2.30
C PRO B 346 26.63 -2.85 -2.83
N PHE B 347 26.64 -2.05 -3.89
CA PHE B 347 27.81 -1.52 -4.59
C PHE B 347 28.50 -2.56 -5.46
N LYS B 348 28.07 -3.81 -5.47
CA LYS B 348 28.66 -4.84 -6.36
C LYS B 348 27.67 -5.16 -7.49
N ASN B 349 27.64 -4.28 -8.48
CA ASN B 349 26.66 -4.37 -9.55
C ASN B 349 27.03 -5.46 -10.54
N LEU B 350 26.13 -6.42 -10.72
CA LEU B 350 26.19 -7.36 -11.83
C LEU B 350 25.78 -6.73 -13.15
N LYS B 351 25.01 -5.63 -13.12
CA LYS B 351 24.50 -4.99 -14.33
C LYS B 351 24.09 -3.58 -13.95
N THR B 352 24.24 -2.66 -14.90
CA THR B 352 23.63 -1.34 -14.79
C THR B 352 23.17 -0.92 -16.17
N GLY B 353 22.23 0.02 -16.19
CA GLY B 353 21.65 0.40 -17.45
C GLY B 353 20.73 1.59 -17.29
N LYS B 354 20.17 1.98 -18.42
CA LYS B 354 19.39 3.20 -18.53
C LYS B 354 18.15 2.84 -19.34
N TYR B 355 16.98 3.19 -18.83
CA TYR B 355 15.73 3.02 -19.54
C TYR B 355 15.22 4.40 -19.94
N ALA B 356 14.93 4.57 -21.23
CA ALA B 356 14.46 5.83 -21.80
C ALA B 356 13.06 5.69 -22.37
N ARG B 357 12.40 6.83 -22.59
CA ARG B 357 11.02 6.89 -23.06
C ARG B 357 10.63 5.87 -24.14
N THR B 363 2.30 9.96 -21.42
CA THR B 363 3.22 9.17 -20.60
C THR B 363 3.45 9.80 -19.21
N ASN B 364 3.72 8.97 -18.22
CA ASN B 364 3.82 9.45 -16.84
C ASN B 364 4.81 8.57 -16.08
N ASP B 365 5.18 9.01 -14.87
CA ASP B 365 6.18 8.31 -14.07
C ASP B 365 5.77 6.86 -13.81
N VAL B 366 4.54 6.64 -13.33
CA VAL B 366 4.07 5.29 -13.04
C VAL B 366 4.15 4.41 -14.28
N LYS B 367 3.73 4.94 -15.43
CA LYS B 367 3.78 4.14 -16.64
C LYS B 367 5.21 3.75 -16.97
N GLN B 368 6.12 4.74 -17.02
CA GLN B 368 7.54 4.49 -17.31
C GLN B 368 8.15 3.51 -16.32
N LEU B 369 7.79 3.64 -15.05
CA LEU B 369 8.37 2.80 -14.01
C LEU B 369 7.91 1.36 -14.17
N THR B 370 6.67 1.17 -14.62
CA THR B 370 6.14 -0.17 -14.87
C THR B 370 6.84 -0.84 -16.04
N GLU B 371 7.20 -0.09 -17.08
CA GLU B 371 7.89 -0.70 -18.21
C GLU B 371 9.36 -0.98 -17.87
N ALA B 372 9.98 -0.12 -17.07
CA ALA B 372 11.32 -0.39 -16.58
C ALA B 372 11.35 -1.68 -15.75
N VAL B 373 10.40 -1.82 -14.81
CA VAL B 373 10.37 -3.02 -13.98
C VAL B 373 10.19 -4.26 -14.83
N GLN B 374 9.38 -4.17 -15.89
CA GLN B 374 9.19 -5.35 -16.72
C GLN B 374 10.42 -5.64 -17.57
N LYS B 375 11.02 -4.60 -18.16
CA LYS B 375 12.28 -4.79 -18.88
C LYS B 375 13.34 -5.45 -18.00
N ILE B 376 13.57 -4.90 -16.81
CA ILE B 376 14.61 -5.42 -15.93
C ILE B 376 14.33 -6.86 -15.50
N THR B 377 13.05 -7.23 -15.38
CA THR B 377 12.69 -8.56 -14.90
C THR B 377 12.89 -9.63 -15.98
N THR B 378 12.54 -9.32 -17.23
CA THR B 378 12.75 -10.33 -18.26
C THR B 378 14.23 -10.48 -18.57
N GLU B 379 14.95 -9.36 -18.57
CA GLU B 379 16.40 -9.43 -18.75
C GLU B 379 17.03 -10.24 -17.62
N SER B 380 16.50 -10.09 -16.40
CA SER B 380 16.93 -10.87 -15.26
C SER B 380 16.54 -12.34 -15.41
N ILE B 381 15.37 -12.62 -15.98
CA ILE B 381 14.97 -14.00 -16.24
C ILE B 381 15.91 -14.65 -17.26
N VAL B 382 16.29 -13.89 -18.29
CA VAL B 382 17.11 -14.45 -19.36
C VAL B 382 18.51 -14.77 -18.85
N ILE B 383 19.08 -13.89 -18.03
CA ILE B 383 20.48 -13.99 -17.65
C ILE B 383 20.66 -14.98 -16.50
N TRP B 384 19.75 -14.98 -15.53
CA TRP B 384 19.91 -15.81 -14.34
C TRP B 384 18.76 -16.75 -14.05
N GLY B 385 17.63 -16.65 -14.76
CA GLY B 385 16.47 -17.45 -14.42
C GLY B 385 15.81 -17.09 -13.11
N LYS B 386 15.94 -15.85 -12.66
CA LYS B 386 15.32 -15.41 -11.43
C LYS B 386 14.83 -13.99 -11.63
N THR B 387 13.77 -13.62 -10.85
CA THR B 387 13.34 -12.24 -10.89
C THR B 387 13.95 -11.46 -9.73
N PRO B 388 14.34 -10.21 -9.94
CA PRO B 388 14.91 -9.43 -8.86
C PRO B 388 13.84 -8.89 -7.94
N LYS B 389 14.27 -8.57 -6.74
CA LYS B 389 13.46 -7.85 -5.79
C LYS B 389 13.70 -6.37 -6.00
N PHE B 390 12.64 -5.63 -6.35
CA PHE B 390 12.82 -4.24 -6.75
C PHE B 390 12.76 -3.27 -5.57
N LYS B 391 13.50 -2.19 -5.71
CA LYS B 391 13.51 -1.08 -4.78
C LYS B 391 13.05 0.14 -5.57
N LEU B 392 11.80 0.60 -5.33
CA LEU B 392 11.22 1.58 -6.24
C LEU B 392 11.14 2.96 -5.59
N PRO B 393 11.39 3.96 -6.33
CA PRO B 393 11.40 5.33 -5.80
C PRO B 393 10.04 5.99 -5.92
N ILE B 394 9.05 5.38 -5.28
CA ILE B 394 7.65 5.83 -5.32
C ILE B 394 7.05 5.49 -3.98
N GLN B 395 6.05 6.25 -3.56
CA GLN B 395 5.29 5.86 -2.38
C GLN B 395 4.49 4.58 -2.66
N LYS B 396 4.50 3.66 -1.68
CA LYS B 396 3.77 2.39 -1.81
C LYS B 396 2.31 2.57 -2.24
N GLU B 397 1.56 3.42 -1.52
CA GLU B 397 0.13 3.56 -1.79
C GLU B 397 -0.14 4.02 -3.22
N THR B 398 0.73 4.87 -3.78
CA THR B 398 0.57 5.27 -5.18
C THR B 398 0.88 4.12 -6.12
N TRP B 399 1.89 3.33 -5.80
CA TRP B 399 2.21 2.20 -6.66
C TRP B 399 1.08 1.19 -6.64
N GLU B 400 0.47 1.00 -5.46
CA GLU B 400 -0.56 -0.01 -5.28
C GLU B 400 -1.86 0.38 -5.95
N THR B 401 -2.04 1.68 -6.20
CA THR B 401 -3.21 2.18 -6.90
C THR B 401 -3.11 1.98 -8.40
N TRP B 402 -1.90 2.10 -8.96
CA TRP B 402 -1.80 2.26 -10.41
C TRP B 402 -1.02 1.18 -11.15
N TRP B 403 -0.38 0.23 -10.46
CA TRP B 403 0.55 -0.63 -11.17
C TRP B 403 -0.15 -1.57 -12.16
N THR B 404 -1.39 -1.97 -11.88
CA THR B 404 -2.07 -2.80 -12.87
C THR B 404 -2.54 -2.00 -14.07
N GLU B 405 -2.53 -0.68 -14.00
CA GLU B 405 -2.95 0.12 -15.15
C GLU B 405 -2.14 -0.18 -16.41
N TYR B 406 -0.89 -0.62 -16.26
CA TYR B 406 -0.05 -0.85 -17.43
C TYR B 406 0.63 -2.21 -17.41
N TRP B 407 0.44 -2.98 -16.36
CA TRP B 407 1.06 -4.28 -16.28
C TRP B 407 0.60 -5.18 -17.42
N GLN B 408 1.56 -5.87 -18.06
CA GLN B 408 1.23 -6.86 -19.08
C GLN B 408 1.77 -8.24 -18.79
N ALA B 409 2.56 -8.41 -17.74
CA ALA B 409 3.23 -9.67 -17.50
C ALA B 409 2.38 -10.59 -16.64
N THR B 410 2.64 -11.88 -16.74
CA THR B 410 1.89 -12.84 -15.94
C THR B 410 2.50 -13.06 -14.55
N TRP B 411 3.76 -12.69 -14.34
CA TRP B 411 4.40 -12.74 -13.02
C TRP B 411 4.34 -11.36 -12.37
N VAL B 412 4.60 -11.34 -11.07
CA VAL B 412 4.65 -10.07 -10.33
C VAL B 412 5.91 -10.14 -9.48
N PRO B 413 6.88 -9.24 -9.63
CA PRO B 413 8.10 -9.33 -8.83
C PRO B 413 7.83 -8.87 -7.40
N GLU B 414 8.79 -9.14 -6.54
CA GLU B 414 8.72 -8.57 -5.21
C GLU B 414 9.23 -7.14 -5.25
N TRP B 415 8.60 -6.26 -4.51
CA TRP B 415 9.05 -4.88 -4.53
C TRP B 415 8.87 -4.26 -3.17
N GLU B 416 9.67 -3.23 -2.92
CA GLU B 416 9.61 -2.44 -1.71
C GLU B 416 9.97 -1.03 -2.12
N PHE B 417 9.83 -0.07 -1.21
CA PHE B 417 9.77 1.33 -1.58
C PHE B 417 10.77 2.15 -0.79
N VAL B 418 11.57 2.97 -1.49
CA VAL B 418 12.82 3.44 -0.92
C VAL B 418 13.05 4.91 -1.24
N ASN B 419 13.91 5.56 -0.44
CA ASN B 419 14.37 6.87 -0.87
C ASN B 419 15.57 6.74 -1.82
N THR B 420 15.83 7.81 -2.54
CA THR B 420 16.99 7.86 -3.41
C THR B 420 17.92 8.94 -2.92
N PRO B 421 19.05 8.56 -2.32
CA PRO B 421 20.04 9.55 -1.90
C PRO B 421 20.58 10.30 -3.10
N PRO B 422 20.84 11.60 -2.95
CA PRO B 422 21.28 12.42 -4.10
C PRO B 422 22.52 11.91 -4.84
N LEU B 423 23.55 11.43 -4.12
CA LEU B 423 24.79 11.00 -4.80
C LEU B 423 24.55 9.80 -5.72
N VAL B 424 23.56 8.95 -5.38
CA VAL B 424 23.24 7.81 -6.24
C VAL B 424 22.75 8.29 -7.59
N LYS B 425 21.75 9.17 -7.56
CA LYS B 425 21.26 9.74 -8.80
C LYS B 425 22.38 10.44 -9.58
N LEU B 426 23.23 11.20 -8.87
CA LEU B 426 24.30 11.94 -9.54
C LEU B 426 25.34 11.02 -10.17
N TRP B 427 25.61 9.89 -9.52
CA TRP B 427 26.60 8.97 -10.08
C TRP B 427 26.10 8.31 -11.35
N TYR B 428 24.92 7.69 -11.32
CA TYR B 428 24.53 6.89 -12.48
C TYR B 428 24.04 7.75 -13.64
N GLN B 429 23.83 9.04 -13.41
CA GLN B 429 23.60 10.02 -14.46
C GLN B 429 24.79 10.19 -15.39
N LEU B 430 25.96 9.70 -15.00
CA LEU B 430 27.19 9.88 -15.76
C LEU B 430 27.44 8.73 -16.72
N GLU B 431 26.61 7.68 -16.71
CA GLU B 431 26.79 6.56 -17.63
C GLU B 431 26.70 7.04 -19.08
N LYS B 432 27.56 6.48 -19.92
CA LYS B 432 27.51 6.80 -21.34
C LYS B 432 26.22 6.25 -21.94
N GLU B 433 25.71 6.96 -22.96
CA GLU B 433 24.52 6.60 -23.72
C GLU B 433 24.90 5.80 -24.97
N PRO B 434 24.00 4.95 -25.50
CA PRO B 434 24.27 4.12 -26.69
C PRO B 434 24.87 4.87 -27.88
O5' 3DR D 3 -14.66 -5.89 34.99
P 3DR D 3 -14.23 -6.66 36.35
OP1 3DR D 3 -13.99 -5.69 37.44
OP2 3DR D 3 -15.16 -7.73 36.76
C2' 3DR D 3 -13.37 -2.44 32.20
C5' 3DR D 3 -13.66 -5.16 34.38
C4' 3DR D 3 -14.08 -3.82 33.89
O4' 3DR D 3 -12.92 -2.75 34.37
C1' 3DR D 3 -12.26 -2.39 33.32
C3' 3DR D 3 -14.01 -3.79 32.57
O3' 3DR D 3 -15.30 -3.98 31.90
CL EFZ E . -32.24 4.10 3.15
F1 EFZ E . -31.15 -0.13 -1.09
F2 EFZ E . -30.18 -1.67 0.09
F3 EFZ E . -31.56 -0.28 1.04
O1 EFZ E . -27.88 1.13 -2.80
O2 EFZ E . -28.64 0.71 -0.70
N EFZ E . -29.23 2.58 -1.89
C1 EFZ E . -29.96 3.08 -0.79
C2 EFZ E . -30.65 4.36 -0.35
C3 EFZ E . -31.29 4.51 0.90
C4 EFZ E . -31.37 3.60 1.74
C5 EFZ E . -30.88 2.46 1.62
C6 EFZ E . -30.19 2.10 0.47
C7 EFZ E . -29.55 0.62 0.35
C8 EFZ E . -28.89 0.20 1.68
C9 EFZ E . -28.25 -0.03 2.66
C10 EFZ E . -27.23 -0.29 3.92
C11 EFZ E . -27.77 0.02 5.12
C12 EFZ E . -26.37 0.75 4.06
C13 EFZ E . -30.63 -0.41 0.11
C14 EFZ E . -28.54 1.44 -1.83
CA CA F . 32.72 19.39 11.29
CA CA G . 29.20 19.50 9.33
C1 GOL H . -17.26 -31.78 33.31
O1 GOL H . -17.98 -32.18 32.16
C2 GOL H . -16.08 -30.91 32.89
O2 GOL H . -16.38 -30.33 31.65
C3 GOL H . -15.77 -29.82 33.92
O3 GOL H . -14.68 -29.03 33.50
C1 GOL I . -30.75 -22.82 0.20
O1 GOL I . -30.60 -22.80 -1.22
C2 GOL I . -29.63 -23.58 0.96
O2 GOL I . -28.83 -24.39 0.11
C3 GOL I . -28.82 -22.61 1.83
O3 GOL I . -27.78 -23.29 2.53
C1 GOL J . 14.49 36.79 -6.48
O1 GOL J . 14.72 36.75 -7.88
C2 GOL J . 14.41 38.25 -6.03
O2 GOL J . 13.49 38.98 -6.82
C3 GOL J . 14.00 38.33 -4.55
O3 GOL J . 14.26 39.63 -4.10
C1 GOL K . 23.97 17.48 -4.09
O1 GOL K . 24.80 16.33 -4.02
C2 GOL K . 22.90 17.39 -3.01
O2 GOL K . 22.34 18.67 -2.74
C3 GOL K . 23.52 16.79 -1.75
O3 GOL K . 24.32 15.70 -2.18
C1 GOL L . 30.38 6.90 2.31
O1 GOL L . 30.39 8.10 3.09
C2 GOL L . 31.76 6.24 2.34
O2 GOL L . 32.34 6.29 3.63
C3 GOL L . 32.66 6.89 1.29
O3 GOL L . 33.98 6.38 1.41
C1 GOL M . -12.42 0.92 22.34
O1 GOL M . -12.12 1.24 21.02
C2 GOL M . -13.20 -0.39 22.30
O2 GOL M . -12.26 -1.43 22.38
C3 GOL M . -14.19 -0.45 23.46
O3 GOL M . -14.92 0.77 23.51
C TAM N . 22.14 4.50 10.74
C1 TAM N . 21.30 5.47 11.60
C2 TAM N . 21.76 4.80 9.25
C3 TAM N . 23.66 4.69 10.95
C4 TAM N . 21.21 5.04 13.08
C5 TAM N . 22.56 3.95 8.22
C6 TAM N . 24.14 6.16 10.73
N TAM N . 21.83 3.14 11.15
O4 TAM N . 22.41 5.38 13.76
O5 TAM N . 23.28 4.74 7.31
O6 TAM N . 24.42 6.40 9.36
#